data_5YI3
#
_entry.id   5YI3
#
_cell.length_a   89.522
_cell.length_b   103.058
_cell.length_c   104.855
_cell.angle_alpha   90.00
_cell.angle_beta   94.20
_cell.angle_gamma   90.00
#
_symmetry.space_group_name_H-M   'P 1 21 1'
#
loop_
_entity.id
_entity.type
_entity.pdbx_description
1 polymer 'Zinc transport transcriptional regulator'
2 polymer "DNA (5'-D(*TP*GP*TP*TP*AP*AP*CP*TP*AP*GP*TP*TP*AP*AP*CP*A)-3')"
3 non-polymer 'ZINC ION'
4 water water
#
loop_
_entity_poly.entity_id
_entity_poly.type
_entity_poly.pdbx_seq_one_letter_code
_entity_poly.pdbx_strand_id
1 'polypeptide(L)'
;GMSLANQIDQFLGTIMQFAENKHEILLGKSESDVKLTSTQEHILMLLAEQISTNAKIAEKLKISPAAVTKALKKLQEQEL
IKSSRATNDERVVLWSLTEKAVPVAKEHATHHEKTLSTYQELGNKFTDEEQEVISKFLSALTEEFQ
;
A,B,E,F,I,J,M,N
2 'polydeoxyribonucleotide' (DT)(DG)(DT)(DT)(DA)(DA)(DC)(DT)(DA)(DG)(DT)(DT)(DA)(DA)(DC)(DA) C,G,K,O,P,L,H,D
#
loop_
_chem_comp.id
_chem_comp.type
_chem_comp.name
_chem_comp.formula
DA DNA linking 2'-DEOXYADENOSINE-5'-MONOPHOSPHATE 'C10 H14 N5 O6 P'
DC DNA linking 2'-DEOXYCYTIDINE-5'-MONOPHOSPHATE 'C9 H14 N3 O7 P'
DG DNA linking 2'-DEOXYGUANOSINE-5'-MONOPHOSPHATE 'C10 H14 N5 O7 P'
DT DNA linking THYMIDINE-5'-MONOPHOSPHATE 'C10 H15 N2 O8 P'
ZN non-polymer 'ZINC ION' 'Zn 2'
#
# COMPACT_ATOMS: atom_id res chain seq x y z
N GLY A 1 33.76 22.84 -15.41
CA GLY A 1 33.02 21.84 -14.66
C GLY A 1 33.56 21.61 -13.26
N MET A 2 34.12 22.66 -12.66
CA MET A 2 34.70 22.55 -11.33
C MET A 2 33.67 22.79 -10.22
N SER A 3 32.40 22.92 -10.62
CA SER A 3 31.31 23.21 -9.68
C SER A 3 31.49 22.45 -8.37
N LEU A 4 31.02 23.02 -7.25
CA LEU A 4 31.10 22.30 -5.98
C LEU A 4 30.20 21.06 -6.02
N ALA A 5 28.91 21.24 -6.29
CA ALA A 5 28.01 20.09 -6.40
C ALA A 5 28.57 18.92 -7.24
N ASN A 6 29.07 19.21 -8.44
CA ASN A 6 29.71 18.19 -9.29
C ASN A 6 30.99 17.62 -8.66
N GLN A 7 31.66 18.41 -7.84
CA GLN A 7 32.91 17.99 -7.21
C GLN A 7 32.63 16.93 -6.12
N ILE A 8 31.42 17.00 -5.55
CA ILE A 8 30.94 16.10 -4.50
C ILE A 8 30.58 14.76 -5.10
N ASP A 9 29.60 14.81 -6.00
CA ASP A 9 29.15 13.68 -6.80
C ASP A 9 30.32 12.85 -7.32
N GLN A 10 31.27 13.51 -7.96
CA GLN A 10 32.43 12.83 -8.52
C GLN A 10 33.28 12.13 -7.46
N PHE A 11 33.21 12.61 -6.23
CA PHE A 11 33.97 12.02 -5.14
C PHE A 11 33.20 10.93 -4.40
N LEU A 12 31.87 10.96 -4.49
CA LEU A 12 31.06 9.83 -4.06
C LEU A 12 31.25 8.68 -5.05
N GLY A 13 31.08 8.98 -6.34
CA GLY A 13 31.37 8.03 -7.40
C GLY A 13 32.77 7.44 -7.29
N THR A 14 33.76 8.25 -6.91
CA THR A 14 35.15 7.79 -6.81
C THR A 14 35.33 6.76 -5.71
N ILE A 15 34.58 6.91 -4.63
CA ILE A 15 34.73 6.01 -3.49
C ILE A 15 34.00 4.69 -3.70
N MET A 16 32.82 4.76 -4.32
CA MET A 16 32.10 3.56 -4.72
C MET A 16 33.04 2.61 -5.46
N GLN A 17 33.66 3.10 -6.52
CA GLN A 17 34.59 2.30 -7.28
C GLN A 17 35.72 1.76 -6.40
N PHE A 18 36.46 2.64 -5.73
CA PHE A 18 37.61 2.19 -4.93
C PHE A 18 37.25 1.01 -4.03
N ALA A 19 36.07 1.11 -3.40
CA ALA A 19 35.57 0.07 -2.51
C ALA A 19 35.27 -1.23 -3.26
N GLU A 20 35.27 -1.14 -4.58
CA GLU A 20 34.74 -2.22 -5.39
C GLU A 20 33.38 -2.62 -4.84
N ASN A 21 33.21 -3.89 -4.52
CA ASN A 21 31.92 -4.34 -4.06
C ASN A 21 31.93 -4.74 -2.58
N LYS A 22 32.97 -4.31 -1.86
CA LYS A 22 33.07 -4.58 -0.41
C LYS A 22 32.22 -3.58 0.39
N HIS A 23 32.32 -3.58 1.71
CA HIS A 23 31.55 -2.63 2.50
C HIS A 23 32.38 -1.97 3.58
N GLU A 24 33.48 -1.37 3.16
CA GLU A 24 34.43 -0.78 4.08
C GLU A 24 35.57 -0.21 3.26
N ILE A 25 36.22 0.82 3.77
CA ILE A 25 37.30 1.47 3.02
C ILE A 25 38.60 1.47 3.81
N LEU A 26 39.59 0.75 3.32
CA LEU A 26 40.94 0.78 3.90
C LEU A 26 42.00 1.06 2.83
N LEU A 27 43.19 1.47 3.25
CA LEU A 27 44.27 1.73 2.30
C LEU A 27 45.31 0.59 2.27
N GLY A 28 45.71 0.18 1.07
CA GLY A 28 46.58 -0.96 0.88
C GLY A 28 45.78 -2.25 1.03
N LYS A 29 46.38 -3.42 0.78
CA LYS A 29 45.64 -4.67 0.95
C LYS A 29 46.09 -5.43 2.21
N SER A 30 45.35 -6.49 2.53
CA SER A 30 45.52 -7.22 3.78
C SER A 30 46.88 -7.89 3.92
N GLU A 31 47.46 -7.82 5.12
CA GLU A 31 48.75 -8.43 5.41
C GLU A 31 48.69 -9.95 5.22
N SER A 32 47.64 -10.57 5.76
CA SER A 32 47.37 -11.98 5.50
C SER A 32 47.08 -12.21 4.01
N ASP A 33 47.41 -13.39 3.49
CA ASP A 33 47.36 -13.62 2.05
C ASP A 33 45.96 -13.86 1.47
N VAL A 34 45.24 -12.78 1.13
CA VAL A 34 43.90 -12.90 0.56
C VAL A 34 43.03 -13.89 1.36
N LYS A 35 43.05 -13.79 2.68
CA LYS A 35 42.44 -14.81 3.52
C LYS A 35 40.91 -14.87 3.46
N LEU A 36 40.24 -13.93 4.13
CA LEU A 36 38.78 -13.90 4.21
C LEU A 36 38.20 -12.61 3.63
N THR A 37 36.87 -12.47 3.67
CA THR A 37 36.19 -11.24 3.25
C THR A 37 36.44 -10.14 4.27
N SER A 38 36.39 -8.88 3.85
CA SER A 38 36.63 -7.80 4.81
C SER A 38 35.68 -7.96 6.00
N THR A 39 34.39 -8.09 5.73
CA THR A 39 33.40 -8.31 6.78
C THR A 39 33.73 -9.47 7.72
N GLN A 40 34.36 -10.50 7.19
CA GLN A 40 34.80 -11.61 8.03
C GLN A 40 36.02 -11.23 8.88
N GLU A 41 36.87 -10.37 8.34
CA GLU A 41 38.01 -9.89 9.10
C GLU A 41 37.49 -9.04 10.24
N HIS A 42 36.70 -8.05 9.87
CA HIS A 42 36.21 -7.07 10.80
C HIS A 42 35.52 -7.75 11.98
N ILE A 43 34.81 -8.83 11.68
CA ILE A 43 34.12 -9.56 12.75
C ILE A 43 35.13 -10.15 13.71
N LEU A 44 36.27 -10.57 13.18
CA LEU A 44 37.28 -11.17 14.03
C LEU A 44 37.95 -10.10 14.89
N MET A 45 38.06 -8.89 14.34
CA MET A 45 38.60 -7.78 15.10
C MET A 45 37.67 -7.44 16.24
N LEU A 46 36.37 -7.61 16.01
CA LEU A 46 35.41 -7.30 17.05
C LEU A 46 35.48 -8.33 18.16
N LEU A 47 35.69 -9.59 17.77
CA LEU A 47 35.70 -10.69 18.72
C LEU A 47 36.91 -10.62 19.65
N ALA A 48 38.00 -10.07 19.13
CA ALA A 48 39.22 -9.85 19.92
C ALA A 48 38.92 -8.86 21.03
N GLU A 49 38.30 -7.75 20.63
CA GLU A 49 37.91 -6.72 21.56
C GLU A 49 37.01 -7.37 22.60
N GLN A 50 35.81 -7.75 22.18
CA GLN A 50 34.85 -8.35 23.08
C GLN A 50 34.10 -9.44 22.36
N ILE A 51 33.93 -10.58 23.01
CA ILE A 51 33.18 -11.69 22.41
C ILE A 51 31.71 -11.31 22.42
N SER A 52 30.93 -11.84 21.48
CA SER A 52 29.54 -11.40 21.34
C SER A 52 28.56 -12.38 20.74
N THR A 53 27.37 -11.90 20.40
CA THR A 53 26.31 -12.75 19.93
C THR A 53 26.07 -12.43 18.46
N ASN A 54 25.18 -13.18 17.82
CA ASN A 54 24.81 -12.82 16.46
C ASN A 54 24.30 -11.38 16.35
N ALA A 55 23.26 -11.05 17.12
CA ALA A 55 22.57 -9.76 17.00
C ALA A 55 23.45 -8.52 17.30
N LYS A 56 24.42 -8.69 18.19
CA LYS A 56 25.36 -7.63 18.52
C LYS A 56 26.23 -7.31 17.31
N ILE A 57 26.81 -8.35 16.72
CA ILE A 57 27.68 -8.25 15.56
C ILE A 57 26.91 -7.69 14.38
N ALA A 58 25.68 -8.16 14.21
CA ALA A 58 24.81 -7.60 13.20
C ALA A 58 24.67 -6.06 13.34
N GLU A 59 24.56 -5.57 14.58
CA GLU A 59 24.37 -4.13 14.78
C GLU A 59 25.65 -3.33 14.60
N LYS A 60 26.73 -3.84 15.14
CA LYS A 60 28.04 -3.22 14.94
C LYS A 60 28.23 -2.95 13.46
N LEU A 61 27.99 -3.99 12.65
CA LEU A 61 28.22 -3.99 11.20
C LEU A 61 27.04 -3.54 10.35
N LYS A 62 25.92 -3.20 10.97
CA LYS A 62 24.78 -2.72 10.21
C LYS A 62 24.52 -3.63 9.01
N ILE A 63 24.50 -4.93 9.26
CA ILE A 63 24.10 -5.89 8.26
C ILE A 63 23.11 -6.84 8.91
N SER A 64 22.37 -7.60 8.11
CA SER A 64 21.34 -8.45 8.70
C SER A 64 21.91 -9.63 9.54
N PRO A 65 21.07 -10.22 10.40
CA PRO A 65 21.54 -11.41 11.11
C PRO A 65 21.76 -12.62 10.19
N ALA A 66 21.03 -12.75 9.09
CA ALA A 66 21.32 -13.82 8.12
C ALA A 66 22.74 -13.70 7.55
N ALA A 67 23.09 -12.50 7.08
CA ALA A 67 24.46 -12.18 6.66
C ALA A 67 25.51 -12.53 7.72
N VAL A 68 25.19 -12.31 8.98
CA VAL A 68 26.13 -12.64 10.03
C VAL A 68 26.20 -14.13 10.24
N THR A 69 25.08 -14.81 9.99
CA THR A 69 25.06 -16.24 10.18
C THR A 69 26.03 -16.91 9.23
N LYS A 70 26.05 -16.39 8.01
CA LYS A 70 26.81 -17.00 6.92
C LYS A 70 28.28 -16.71 7.15
N ALA A 71 28.57 -15.47 7.49
CA ALA A 71 29.94 -15.08 7.78
C ALA A 71 30.54 -15.97 8.87
N LEU A 72 29.73 -16.32 9.88
CA LEU A 72 30.22 -17.07 11.03
C LEU A 72 30.40 -18.54 10.70
N LYS A 73 29.44 -19.09 9.96
CA LYS A 73 29.56 -20.46 9.46
C LYS A 73 30.82 -20.63 8.61
N LYS A 74 31.23 -19.60 7.89
CA LYS A 74 32.50 -19.63 7.16
C LYS A 74 33.68 -19.56 8.10
N LEU A 75 33.74 -18.50 8.91
CA LEU A 75 34.79 -18.31 9.90
C LEU A 75 35.00 -19.55 10.75
N GLN A 76 33.92 -20.28 10.99
CA GLN A 76 33.99 -21.52 11.72
C GLN A 76 34.77 -22.58 10.92
N GLU A 77 34.36 -22.83 9.67
CA GLU A 77 35.07 -23.79 8.81
C GLU A 77 36.57 -23.52 8.76
N GLN A 78 36.95 -22.25 8.77
CA GLN A 78 38.36 -21.89 8.80
C GLN A 78 38.90 -21.99 10.23
N GLU A 79 38.18 -22.72 11.08
CA GLU A 79 38.55 -22.91 12.47
C GLU A 79 39.10 -21.63 13.09
N LEU A 80 38.45 -20.52 12.75
CA LEU A 80 38.88 -19.19 13.20
C LEU A 80 38.11 -18.71 14.43
N ILE A 81 36.91 -19.23 14.64
CA ILE A 81 36.12 -18.86 15.80
C ILE A 81 35.40 -20.08 16.33
N LYS A 82 35.10 -20.10 17.63
CA LYS A 82 34.34 -21.19 18.22
C LYS A 82 33.00 -20.70 18.76
N SER A 83 31.98 -21.56 18.71
CA SER A 83 30.68 -21.27 19.34
C SER A 83 30.79 -21.58 20.82
N SER A 84 29.68 -21.47 21.55
CA SER A 84 29.71 -21.77 22.98
C SER A 84 28.58 -22.73 23.40
N ARG A 85 27.63 -22.95 22.50
CA ARG A 85 26.39 -23.71 22.80
C ARG A 85 25.55 -22.82 23.76
N ALA A 86 24.41 -23.36 24.20
CA ALA A 86 23.46 -22.62 25.04
C ALA A 86 23.39 -23.60 26.21
N THR A 87 24.30 -24.58 26.19
CA THR A 87 24.33 -25.69 27.13
C THR A 87 23.89 -25.30 28.54
N ASN A 88 24.75 -24.63 29.31
CA ASN A 88 24.38 -24.30 30.70
C ASN A 88 23.08 -23.51 30.80
N ASP A 89 22.81 -23.07 32.02
CA ASP A 89 21.79 -22.10 32.33
C ASP A 89 22.10 -20.78 31.61
N GLU A 90 22.90 -20.87 30.54
CA GLU A 90 23.38 -19.74 29.77
C GLU A 90 22.41 -19.33 28.63
N ARG A 91 22.08 -20.29 27.76
CA ARG A 91 21.08 -20.05 26.71
C ARG A 91 21.54 -19.04 25.66
N VAL A 92 22.73 -18.48 25.89
CA VAL A 92 23.30 -17.51 24.97
C VAL A 92 24.38 -18.19 24.12
N VAL A 93 24.40 -17.91 22.83
CA VAL A 93 25.43 -18.48 21.98
C VAL A 93 26.54 -17.45 21.75
N LEU A 94 27.68 -17.66 22.39
CA LEU A 94 28.77 -16.69 22.35
C LEU A 94 29.91 -17.16 21.47
N TRP A 95 30.44 -16.26 20.66
CA TRP A 95 31.47 -16.64 19.69
C TRP A 95 32.78 -15.95 20.02
N SER A 96 33.83 -16.72 20.30
CA SER A 96 35.15 -16.13 20.54
C SER A 96 36.18 -16.59 19.53
N LEU A 97 37.29 -15.87 19.43
CA LEU A 97 38.38 -16.24 18.51
C LEU A 97 39.08 -17.53 18.93
N THR A 98 39.90 -18.06 18.01
CA THR A 98 40.80 -19.18 18.28
C THR A 98 42.24 -18.68 18.14
N GLU A 99 43.19 -19.43 18.72
CA GLU A 99 44.60 -19.03 18.65
C GLU A 99 44.99 -18.58 17.25
N LYS A 100 44.51 -19.32 16.26
CA LYS A 100 44.78 -19.07 14.86
C LYS A 100 44.26 -17.71 14.41
N ALA A 101 43.36 -17.12 15.18
CA ALA A 101 42.62 -15.94 14.75
C ALA A 101 43.22 -14.61 15.22
N VAL A 102 43.91 -14.62 16.36
CA VAL A 102 44.45 -13.38 16.89
C VAL A 102 45.50 -12.69 16.00
N PRO A 103 46.36 -13.47 15.32
CA PRO A 103 47.28 -12.77 14.43
C PRO A 103 46.49 -11.93 13.46
N VAL A 104 45.57 -12.57 12.75
CA VAL A 104 44.80 -11.87 11.74
C VAL A 104 44.02 -10.72 12.35
N ALA A 105 43.55 -10.92 13.58
CA ALA A 105 42.84 -9.86 14.28
C ALA A 105 43.69 -8.59 14.35
N LYS A 106 44.91 -8.73 14.87
CA LYS A 106 45.85 -7.61 14.96
C LYS A 106 46.17 -7.05 13.59
N GLU A 107 46.30 -7.93 12.59
CA GLU A 107 46.55 -7.52 11.23
C GLU A 107 45.47 -6.52 10.82
N HIS A 108 44.21 -6.90 11.00
CA HIS A 108 43.11 -6.04 10.59
C HIS A 108 43.02 -4.79 11.46
N ALA A 109 43.17 -4.98 12.76
CA ALA A 109 43.19 -3.87 13.70
C ALA A 109 44.13 -2.77 13.21
N THR A 110 45.42 -3.10 13.15
CA THR A 110 46.44 -2.19 12.67
C THR A 110 46.09 -1.60 11.30
N HIS A 111 45.56 -2.44 10.41
CA HIS A 111 45.22 -2.02 9.06
C HIS A 111 44.19 -0.90 9.09
N HIS A 112 43.34 -0.89 10.11
CA HIS A 112 42.37 0.18 10.29
C HIS A 112 43.09 1.45 10.75
N GLU A 113 44.12 1.28 11.56
CA GLU A 113 44.89 2.41 12.10
C GLU A 113 45.71 3.12 11.03
N LYS A 114 46.50 2.36 10.27
CA LYS A 114 47.24 2.91 9.14
C LYS A 114 46.36 3.80 8.29
N THR A 115 45.20 3.29 7.90
CA THR A 115 44.22 4.05 7.15
C THR A 115 43.87 5.33 7.87
N LEU A 116 43.66 5.25 9.18
CA LEU A 116 43.38 6.42 10.00
C LEU A 116 44.59 7.37 10.03
N SER A 117 45.77 6.78 10.20
CA SER A 117 47.01 7.56 10.19
C SER A 117 47.12 8.35 8.90
N THR A 118 46.82 7.71 7.77
CA THR A 118 46.86 8.42 6.51
C THR A 118 45.86 9.58 6.53
N TYR A 119 44.62 9.32 6.92
CA TYR A 119 43.65 10.41 7.00
C TYR A 119 44.23 11.52 7.86
N GLN A 120 44.97 11.13 8.88
CA GLN A 120 45.59 12.04 9.84
C GLN A 120 46.76 12.79 9.20
N GLU A 121 47.49 12.08 8.34
CA GLU A 121 48.51 12.65 7.46
C GLU A 121 47.90 13.69 6.52
N LEU A 122 46.66 13.43 6.09
CA LEU A 122 45.93 14.34 5.23
C LEU A 122 45.33 15.47 6.05
N GLY A 123 45.12 15.20 7.33
CA GLY A 123 44.41 16.10 8.22
C GLY A 123 45.19 17.34 8.63
N ASN A 124 46.21 17.14 9.46
CA ASN A 124 47.01 18.24 9.96
C ASN A 124 47.65 19.11 8.87
N LYS A 125 47.56 18.68 7.60
CA LYS A 125 48.12 19.43 6.47
C LYS A 125 47.39 20.76 6.24
N PHE A 126 46.18 20.87 6.78
CA PHE A 126 45.47 22.15 6.79
C PHE A 126 45.72 22.87 8.11
N THR A 127 45.48 24.18 8.11
CA THR A 127 45.58 24.98 9.34
C THR A 127 44.44 24.60 10.26
N ASP A 128 44.62 24.85 11.55
CA ASP A 128 43.59 24.52 12.53
C ASP A 128 42.25 25.14 12.14
N GLU A 129 42.29 26.42 11.74
CA GLU A 129 41.09 27.13 11.32
C GLU A 129 40.48 26.49 10.10
N GLU A 130 41.32 26.09 9.14
CA GLU A 130 40.84 25.42 7.94
C GLU A 130 40.17 24.09 8.29
N GLN A 131 40.74 23.36 9.25
CA GLN A 131 40.20 22.07 9.67
C GLN A 131 38.75 22.14 10.13
N GLU A 132 38.45 22.99 11.10
CA GLU A 132 37.09 23.03 11.61
C GLU A 132 36.05 23.39 10.53
N VAL A 133 36.51 23.88 9.38
CA VAL A 133 35.61 24.18 8.27
C VAL A 133 35.20 22.88 7.59
N ILE A 134 36.18 22.00 7.43
CA ILE A 134 35.95 20.63 6.96
C ILE A 134 34.94 19.91 7.82
N SER A 135 35.26 19.78 9.10
CA SER A 135 34.43 19.11 10.09
C SER A 135 32.97 19.57 10.03
N LYS A 136 32.75 20.81 9.61
CA LYS A 136 31.40 21.33 9.52
C LYS A 136 30.76 20.87 8.21
N PHE A 137 31.61 20.60 7.22
CA PHE A 137 31.14 20.09 5.92
C PHE A 137 30.70 18.65 6.04
N LEU A 138 31.65 17.81 6.44
CA LEU A 138 31.38 16.41 6.67
C LEU A 138 30.04 16.27 7.36
N SER A 139 29.85 17.04 8.42
CA SER A 139 28.65 16.96 9.24
C SER A 139 27.39 17.33 8.45
N ALA A 140 27.52 18.26 7.51
CA ALA A 140 26.37 18.71 6.75
C ALA A 140 25.95 17.66 5.73
N LEU A 141 26.94 17.07 5.10
CA LEU A 141 26.66 16.07 4.09
C LEU A 141 26.09 14.81 4.73
N THR A 142 26.87 14.17 5.60
CA THR A 142 26.41 13.01 6.35
C THR A 142 24.94 13.11 6.76
N GLU A 143 24.43 14.33 6.90
CA GLU A 143 23.04 14.50 7.31
C GLU A 143 22.12 14.32 6.13
N GLU A 144 22.66 14.55 4.95
CA GLU A 144 21.91 14.40 3.71
C GLU A 144 21.66 12.92 3.40
N PHE A 145 22.48 12.05 4.00
CA PHE A 145 22.30 10.60 3.92
C PHE A 145 21.59 10.05 5.15
N GLN A 146 20.63 10.82 5.68
CA GLN A 146 19.90 10.43 6.88
C GLN A 146 18.47 10.98 6.85
N SER B 3 38.51 12.86 16.78
CA SER B 3 39.07 14.09 16.20
C SER B 3 38.49 14.36 14.82
N LEU B 4 39.37 14.38 13.84
CA LEU B 4 39.00 14.69 12.46
C LEU B 4 38.96 13.45 11.61
N ALA B 5 40.07 12.72 11.56
CA ALA B 5 40.14 11.49 10.79
C ALA B 5 38.94 10.60 11.13
N ASN B 6 38.67 10.44 12.42
CA ASN B 6 37.51 9.68 12.87
C ASN B 6 36.21 10.13 12.21
N GLN B 7 36.10 11.42 11.95
CA GLN B 7 34.92 11.97 11.29
C GLN B 7 34.91 11.59 9.81
N ILE B 8 36.08 11.65 9.18
CA ILE B 8 36.21 11.27 7.78
C ILE B 8 35.75 9.85 7.65
N ASP B 9 36.59 8.93 8.13
CA ASP B 9 36.21 7.54 8.29
C ASP B 9 34.69 7.44 8.48
N GLN B 10 34.19 7.89 9.63
CA GLN B 10 32.76 7.88 9.89
C GLN B 10 31.94 8.33 8.69
N PHE B 11 32.37 9.40 8.02
CA PHE B 11 31.68 9.80 6.81
C PHE B 11 31.69 8.64 5.80
N LEU B 12 32.87 8.25 5.35
CA LEU B 12 33.02 7.14 4.41
C LEU B 12 32.11 5.97 4.77
N GLY B 13 32.16 5.57 6.03
CA GLY B 13 31.36 4.48 6.54
C GLY B 13 29.87 4.74 6.53
N THR B 14 29.49 6.01 6.65
CA THR B 14 28.07 6.36 6.64
C THR B 14 27.56 6.03 5.27
N ILE B 15 28.46 6.20 4.30
CA ILE B 15 28.12 6.07 2.91
C ILE B 15 27.95 4.61 2.54
N MET B 16 29.00 3.83 2.76
CA MET B 16 28.96 2.38 2.54
C MET B 16 27.62 1.77 2.90
N GLN B 17 27.01 2.33 3.95
CA GLN B 17 25.70 1.93 4.40
C GLN B 17 24.57 2.48 3.54
N PHE B 18 24.61 3.77 3.21
CA PHE B 18 23.59 4.34 2.36
C PHE B 18 23.62 3.64 1.01
N ALA B 19 24.77 3.05 0.71
CA ALA B 19 25.04 2.44 -0.60
C ALA B 19 24.30 1.13 -0.78
N GLU B 20 24.54 0.20 0.15
CA GLU B 20 23.95 -1.12 0.09
C GLU B 20 24.55 -1.88 -1.07
N ASN B 21 23.68 -2.32 -1.97
CA ASN B 21 24.12 -3.03 -3.16
C ASN B 21 24.18 -2.13 -4.38
N LYS B 22 23.75 -0.88 -4.21
CA LYS B 22 23.71 0.08 -5.31
C LYS B 22 25.12 0.53 -5.62
N HIS B 23 25.37 0.90 -6.87
CA HIS B 23 26.73 1.29 -7.22
C HIS B 23 26.91 2.81 -7.30
N GLU B 24 25.81 3.54 -7.40
CA GLU B 24 25.88 4.98 -7.30
C GLU B 24 25.15 5.47 -6.07
N ILE B 25 25.06 6.78 -5.92
CA ILE B 25 24.45 7.38 -4.76
C ILE B 25 23.46 8.45 -5.16
N LEU B 26 22.18 8.21 -4.89
CA LEU B 26 21.14 9.22 -5.11
C LEU B 26 20.28 9.47 -3.86
N LEU B 27 20.04 10.74 -3.55
CA LEU B 27 19.22 11.11 -2.41
C LEU B 27 17.75 10.94 -2.74
N GLY B 28 17.00 10.37 -1.80
CA GLY B 28 15.58 10.19 -1.97
C GLY B 28 15.27 8.94 -2.78
N LYS B 29 14.02 8.50 -2.70
CA LYS B 29 13.61 7.29 -3.40
C LYS B 29 13.39 7.61 -4.86
N SER B 30 13.68 6.65 -5.73
CA SER B 30 13.38 6.80 -7.15
C SER B 30 11.88 7.01 -7.31
N GLU B 31 11.50 7.84 -8.27
CA GLU B 31 10.09 8.17 -8.48
C GLU B 31 9.50 7.39 -9.66
N SER B 32 10.36 6.66 -10.37
CA SER B 32 9.99 5.97 -11.60
C SER B 32 8.62 5.30 -11.52
N ASP B 33 7.83 5.42 -12.59
CA ASP B 33 6.53 4.75 -12.66
C ASP B 33 6.72 3.23 -12.57
N VAL B 34 7.86 2.75 -13.05
CA VAL B 34 8.19 1.33 -12.98
C VAL B 34 9.44 1.11 -12.12
N LYS B 35 9.45 0.04 -11.32
CA LYS B 35 10.59 -0.19 -10.42
C LYS B 35 11.64 -1.10 -11.05
N LEU B 36 12.86 -0.59 -11.11
CA LEU B 36 14.03 -1.32 -11.61
C LEU B 36 15.19 -1.08 -10.65
N THR B 37 16.22 -1.91 -10.73
CA THR B 37 17.45 -1.62 -10.02
C THR B 37 17.95 -0.28 -10.53
N SER B 38 18.53 0.52 -9.64
CA SER B 38 19.09 1.79 -10.06
C SER B 38 19.88 1.56 -11.32
N THR B 39 20.75 0.55 -11.27
CA THR B 39 21.62 0.22 -12.39
C THR B 39 20.83 0.00 -13.67
N GLN B 40 19.62 -0.54 -13.55
CA GLN B 40 18.76 -0.67 -14.71
C GLN B 40 18.27 0.68 -15.18
N GLU B 41 17.77 1.51 -14.24
CA GLU B 41 17.34 2.87 -14.55
C GLU B 41 18.48 3.67 -15.20
N HIS B 42 19.65 3.69 -14.57
CA HIS B 42 20.81 4.41 -15.11
C HIS B 42 21.14 4.02 -16.57
N ILE B 43 20.96 2.75 -16.89
CA ILE B 43 21.15 2.31 -18.24
C ILE B 43 20.21 3.06 -19.17
N LEU B 44 18.92 3.11 -18.83
CA LEU B 44 17.93 3.75 -19.69
C LEU B 44 18.24 5.23 -19.90
N MET B 45 18.81 5.82 -18.86
CA MET B 45 19.27 7.19 -18.93
C MET B 45 20.41 7.23 -19.93
N LEU B 46 21.28 6.23 -19.88
CA LEU B 46 22.43 6.16 -20.79
C LEU B 46 22.02 6.02 -22.26
N LEU B 47 21.06 5.13 -22.51
CA LEU B 47 20.66 4.86 -23.89
C LEU B 47 19.97 6.08 -24.50
N ALA B 48 19.35 6.89 -23.64
CA ALA B 48 18.74 8.13 -24.07
C ALA B 48 19.76 9.11 -24.65
N GLU B 49 21.00 9.06 -24.22
CA GLU B 49 21.99 9.95 -24.81
C GLU B 49 22.50 9.34 -26.10
N GLN B 50 23.06 8.15 -26.00
CA GLN B 50 23.68 7.50 -27.14
C GLN B 50 23.27 6.03 -27.25
N ILE B 51 22.76 5.67 -28.44
CA ILE B 51 22.59 4.28 -28.84
C ILE B 51 23.86 3.55 -28.44
N SER B 52 23.76 2.40 -27.81
CA SER B 52 24.98 1.81 -27.28
C SER B 52 24.99 0.28 -27.20
N THR B 53 26.20 -0.28 -27.21
CA THR B 53 26.41 -1.70 -27.08
C THR B 53 26.68 -2.12 -25.63
N ASN B 54 26.49 -3.40 -25.38
CA ASN B 54 26.80 -3.97 -24.10
C ASN B 54 28.16 -3.53 -23.57
N ALA B 55 29.23 -3.83 -24.29
CA ALA B 55 30.58 -3.55 -23.83
C ALA B 55 30.86 -2.08 -23.51
N LYS B 56 30.03 -1.18 -24.01
CA LYS B 56 30.19 0.24 -23.73
C LYS B 56 29.41 0.63 -22.48
N ILE B 57 28.19 0.11 -22.40
CA ILE B 57 27.44 0.28 -21.18
C ILE B 57 28.30 -0.22 -20.02
N ALA B 58 28.92 -1.38 -20.21
CA ALA B 58 29.81 -1.94 -19.21
C ALA B 58 31.06 -1.12 -18.94
N GLU B 59 31.44 -0.27 -19.89
CA GLU B 59 32.60 0.58 -19.71
C GLU B 59 32.16 1.83 -18.95
N LYS B 60 30.93 2.26 -19.23
CA LYS B 60 30.37 3.44 -18.59
C LYS B 60 29.95 3.18 -17.14
N LEU B 61 29.42 1.99 -16.87
CA LEU B 61 28.95 1.64 -15.54
C LEU B 61 30.07 1.04 -14.70
N LYS B 62 31.19 0.78 -15.36
CA LYS B 62 32.34 0.15 -14.70
C LYS B 62 32.00 -1.23 -14.14
N ILE B 63 30.83 -1.77 -14.47
CA ILE B 63 30.54 -3.17 -14.15
C ILE B 63 30.97 -4.10 -15.26
N SER B 64 30.62 -5.38 -15.11
CA SER B 64 30.94 -6.42 -16.09
C SER B 64 29.85 -6.55 -17.15
N PRO B 65 30.23 -7.09 -18.31
CA PRO B 65 29.25 -7.31 -19.37
C PRO B 65 28.16 -8.33 -18.99
N ALA B 66 28.51 -9.36 -18.21
CA ALA B 66 27.54 -10.30 -17.64
C ALA B 66 26.45 -9.62 -16.81
N ALA B 67 26.85 -8.58 -16.08
CA ALA B 67 25.92 -7.77 -15.29
C ALA B 67 25.01 -7.02 -16.25
N VAL B 68 25.60 -6.55 -17.34
CA VAL B 68 24.86 -5.85 -18.37
C VAL B 68 23.90 -6.79 -19.09
N THR B 69 24.38 -7.95 -19.54
CA THR B 69 23.47 -8.89 -20.20
C THR B 69 22.24 -9.10 -19.34
N LYS B 70 22.45 -9.25 -18.03
CA LYS B 70 21.34 -9.55 -17.12
C LYS B 70 20.37 -8.36 -17.07
N ALA B 71 20.91 -7.20 -16.69
CA ALA B 71 20.12 -5.97 -16.65
C ALA B 71 19.32 -5.77 -17.94
N LEU B 72 19.99 -5.90 -19.07
CA LEU B 72 19.37 -5.69 -20.36
C LEU B 72 18.26 -6.69 -20.64
N LYS B 73 18.39 -7.92 -20.14
CA LYS B 73 17.35 -8.91 -20.37
C LYS B 73 16.14 -8.56 -19.54
N LYS B 74 16.35 -8.12 -18.30
CA LYS B 74 15.24 -7.66 -17.46
C LYS B 74 14.52 -6.45 -18.05
N LEU B 75 15.30 -5.45 -18.49
CA LEU B 75 14.76 -4.27 -19.18
C LEU B 75 13.94 -4.65 -20.41
N GLN B 76 14.47 -5.61 -21.16
CA GLN B 76 13.80 -6.13 -22.34
C GLN B 76 12.55 -6.87 -21.90
N GLU B 77 12.62 -7.49 -20.74
CA GLU B 77 11.48 -8.23 -20.19
C GLU B 77 10.29 -7.33 -19.93
N GLN B 78 10.54 -6.06 -19.66
CA GLN B 78 9.45 -5.12 -19.47
C GLN B 78 9.18 -4.26 -20.71
N GLU B 79 9.80 -4.64 -21.83
CA GLU B 79 9.66 -3.92 -23.10
C GLU B 79 10.01 -2.43 -22.99
N LEU B 80 11.25 -2.14 -22.62
CA LEU B 80 11.72 -0.77 -22.57
C LEU B 80 12.84 -0.55 -23.58
N ILE B 81 13.43 -1.63 -24.07
CA ILE B 81 14.48 -1.47 -25.07
C ILE B 81 14.27 -2.36 -26.30
N LYS B 82 15.05 -2.10 -27.34
CA LYS B 82 14.90 -2.84 -28.57
C LYS B 82 16.21 -2.91 -29.32
N SER B 83 16.37 -3.99 -30.06
CA SER B 83 17.59 -4.29 -30.79
C SER B 83 17.60 -3.60 -32.13
N SER B 84 18.80 -3.49 -32.68
CA SER B 84 19.03 -2.92 -34.00
C SER B 84 20.50 -3.17 -34.29
N ARG B 85 20.86 -3.37 -35.55
CA ARG B 85 22.25 -3.72 -35.86
C ARG B 85 22.98 -2.52 -36.41
N ALA B 86 24.31 -2.56 -36.33
CA ALA B 86 25.13 -1.46 -36.84
C ALA B 86 25.19 -1.48 -38.36
N THR B 87 25.10 -0.28 -38.94
CA THR B 87 25.19 -0.12 -40.38
C THR B 87 26.56 -0.56 -40.89
N ASN B 88 27.60 -0.31 -40.08
CA ASN B 88 28.95 -0.75 -40.40
C ASN B 88 29.10 -2.28 -40.42
N ASP B 89 28.69 -2.94 -39.33
CA ASP B 89 28.76 -4.41 -39.22
C ASP B 89 27.40 -4.90 -38.70
N GLU B 90 26.75 -5.85 -39.41
CA GLU B 90 25.41 -6.29 -39.01
C GLU B 90 25.40 -7.22 -37.81
N ARG B 91 26.56 -7.77 -37.51
CA ARG B 91 26.72 -8.60 -36.32
C ARG B 91 26.56 -7.76 -35.05
N VAL B 92 26.98 -6.50 -35.11
CA VAL B 92 27.04 -5.62 -33.95
C VAL B 92 25.65 -5.17 -33.48
N VAL B 93 25.33 -5.52 -32.23
CA VAL B 93 24.00 -5.27 -31.64
C VAL B 93 23.89 -3.97 -30.82
N LEU B 94 23.06 -3.04 -31.28
CA LEU B 94 22.84 -1.74 -30.61
C LEU B 94 21.48 -1.62 -29.92
N TRP B 95 21.51 -1.20 -28.66
CA TRP B 95 20.31 -1.07 -27.84
C TRP B 95 19.80 0.36 -27.73
N SER B 96 18.49 0.52 -27.84
CA SER B 96 17.84 1.84 -27.74
C SER B 96 16.51 1.77 -27.01
N LEU B 97 16.06 2.91 -26.48
CA LEU B 97 14.82 2.95 -25.71
C LEU B 97 13.60 2.69 -26.58
N THR B 98 12.58 2.05 -26.00
CA THR B 98 11.25 2.03 -26.60
C THR B 98 10.61 3.30 -26.04
N GLU B 99 9.40 3.64 -26.50
CA GLU B 99 8.75 4.87 -26.04
C GLU B 99 8.48 4.80 -24.55
N LYS B 100 7.94 3.67 -24.14
CA LYS B 100 7.65 3.38 -22.75
C LYS B 100 8.88 3.61 -21.85
N ALA B 101 10.02 3.94 -22.46
CA ALA B 101 11.26 4.09 -21.70
C ALA B 101 11.68 5.54 -21.52
N VAL B 102 11.27 6.42 -22.44
CA VAL B 102 11.69 7.82 -22.40
C VAL B 102 11.34 8.55 -21.07
N PRO B 103 10.11 8.38 -20.56
CA PRO B 103 9.76 8.93 -19.25
C PRO B 103 10.73 8.46 -18.17
N VAL B 104 10.94 7.14 -18.09
CA VAL B 104 11.79 6.54 -17.06
C VAL B 104 13.21 7.11 -17.12
N ALA B 105 13.80 7.12 -18.30
CA ALA B 105 15.12 7.70 -18.50
C ALA B 105 15.12 9.17 -18.08
N LYS B 106 14.04 9.88 -18.42
CA LYS B 106 13.86 11.26 -18.00
C LYS B 106 13.90 11.33 -16.49
N GLU B 107 13.17 10.42 -15.86
CA GLU B 107 13.03 10.43 -14.41
C GLU B 107 14.40 10.25 -13.76
N HIS B 108 15.13 9.24 -14.19
CA HIS B 108 16.42 8.91 -13.58
C HIS B 108 17.48 10.00 -13.85
N ALA B 109 17.25 10.79 -14.90
CA ALA B 109 18.10 11.95 -15.15
C ALA B 109 17.72 13.02 -14.11
N THR B 110 16.41 13.14 -13.89
CA THR B 110 15.86 14.11 -12.94
C THR B 110 16.31 13.83 -11.51
N HIS B 111 16.45 12.55 -11.18
CA HIS B 111 16.88 12.15 -9.85
C HIS B 111 18.36 12.49 -9.64
N HIS B 112 19.15 12.46 -10.71
CA HIS B 112 20.54 12.87 -10.58
C HIS B 112 20.57 14.35 -10.35
N GLU B 113 19.69 15.05 -11.07
CA GLU B 113 19.56 16.49 -11.02
C GLU B 113 19.09 16.95 -9.66
N LYS B 114 17.96 16.42 -9.24
CA LYS B 114 17.34 16.79 -7.98
C LYS B 114 18.28 16.39 -6.83
N THR B 115 19.25 15.52 -7.11
CA THR B 115 20.26 15.14 -6.13
C THR B 115 21.45 16.08 -6.19
N LEU B 116 21.71 16.64 -7.36
CA LEU B 116 22.72 17.69 -7.50
C LEU B 116 22.20 19.01 -6.94
N SER B 117 20.90 19.23 -7.10
CA SER B 117 20.22 20.39 -6.51
C SER B 117 20.41 20.39 -5.01
N THR B 118 20.16 19.24 -4.42
CA THR B 118 20.33 19.05 -2.99
C THR B 118 21.78 19.22 -2.59
N TYR B 119 22.71 18.78 -3.44
CA TYR B 119 24.13 18.98 -3.18
C TYR B 119 24.52 20.45 -3.17
N GLN B 120 23.86 21.23 -4.02
CA GLN B 120 24.16 22.65 -4.14
C GLN B 120 23.62 23.47 -2.97
N GLU B 121 22.37 23.23 -2.60
CA GLU B 121 21.78 23.82 -1.42
C GLU B 121 22.74 23.74 -0.23
N LEU B 122 23.46 22.63 -0.11
CA LEU B 122 24.37 22.41 1.01
C LEU B 122 25.71 23.15 0.85
N GLY B 123 26.23 23.19 -0.37
CA GLY B 123 27.49 23.87 -0.62
C GLY B 123 27.38 25.36 -0.45
N ASN B 124 26.21 25.89 -0.81
CA ASN B 124 25.94 27.33 -0.76
C ASN B 124 25.91 27.89 0.65
N LYS B 125 25.52 27.04 1.61
CA LYS B 125 25.46 27.46 3.00
C LYS B 125 26.85 27.76 3.57
N PHE B 126 27.88 27.35 2.85
CA PHE B 126 29.24 27.81 3.14
C PHE B 126 29.56 28.92 2.19
N THR B 127 30.43 29.82 2.60
CA THR B 127 30.77 30.95 1.76
C THR B 127 31.92 30.61 0.85
N ASP B 128 31.96 31.25 -0.31
CA ASP B 128 32.97 30.99 -1.33
C ASP B 128 34.39 31.02 -0.75
N GLU B 129 34.55 31.72 0.37
CA GLU B 129 35.79 31.69 1.12
C GLU B 129 36.03 30.25 1.51
N GLU B 130 35.01 29.68 2.12
CA GLU B 130 35.05 28.32 2.65
C GLU B 130 34.85 27.24 1.58
N GLN B 131 34.11 27.57 0.52
CA GLN B 131 33.82 26.62 -0.55
C GLN B 131 35.03 26.04 -1.29
N GLU B 132 36.06 26.84 -1.59
CA GLU B 132 37.19 26.29 -2.35
C GLU B 132 38.26 25.67 -1.45
N VAL B 133 38.23 25.96 -0.16
CA VAL B 133 39.13 25.27 0.77
C VAL B 133 38.67 23.82 0.93
N ILE B 134 37.35 23.63 0.94
CA ILE B 134 36.73 22.32 1.04
C ILE B 134 36.86 21.54 -0.26
N SER B 135 36.63 22.22 -1.38
CA SER B 135 36.69 21.58 -2.67
C SER B 135 38.10 21.15 -3.03
N LYS B 136 39.10 21.68 -2.33
CA LYS B 136 40.45 21.17 -2.54
C LYS B 136 40.84 20.20 -1.43
N PHE B 137 39.90 20.00 -0.50
CA PHE B 137 39.99 18.93 0.49
C PHE B 137 39.54 17.61 -0.15
N LEU B 138 38.42 17.67 -0.85
CA LEU B 138 37.93 16.53 -1.62
C LEU B 138 39.06 16.03 -2.51
N SER B 139 39.65 16.95 -3.27
CA SER B 139 40.76 16.64 -4.15
C SER B 139 41.90 15.95 -3.38
N ALA B 140 42.28 16.52 -2.24
CA ALA B 140 43.37 15.97 -1.42
C ALA B 140 43.09 14.55 -0.96
N LEU B 141 41.80 14.22 -0.85
CA LEU B 141 41.37 12.91 -0.39
C LEU B 141 41.34 11.89 -1.52
N THR B 142 40.84 12.31 -2.68
CA THR B 142 40.72 11.42 -3.84
C THR B 142 42.06 10.80 -4.27
N GLU B 143 43.17 11.30 -3.73
CA GLU B 143 44.51 10.78 -4.06
C GLU B 143 44.80 9.41 -3.42
N GLU B 144 44.25 9.17 -2.24
CA GLU B 144 44.43 7.88 -1.60
C GLU B 144 43.68 6.86 -2.42
N PHE B 145 42.68 7.35 -3.15
CA PHE B 145 41.82 6.50 -3.98
C PHE B 145 42.23 6.54 -5.46
N GLN B 146 42.93 7.60 -5.85
CA GLN B 146 43.34 7.82 -7.24
C GLN B 146 42.16 7.97 -8.18
N MET D 2 18.16 36.81 20.36
CA MET D 2 17.39 37.32 21.50
C MET D 2 16.14 36.49 21.85
N SER D 3 14.99 36.95 21.38
CA SER D 3 13.70 36.44 21.84
C SER D 3 13.31 35.16 21.13
N LEU D 4 13.91 34.89 19.98
CA LEU D 4 13.65 33.63 19.29
C LEU D 4 14.37 32.46 19.98
N ALA D 5 15.69 32.57 20.08
CA ALA D 5 16.45 31.59 20.83
C ALA D 5 15.90 31.41 22.27
N ASN D 6 15.21 32.42 22.79
CA ASN D 6 14.67 32.27 24.15
C ASN D 6 13.40 31.45 24.16
N GLN D 7 12.63 31.53 23.07
CA GLN D 7 11.46 30.70 22.95
C GLN D 7 11.91 29.25 22.90
N ILE D 8 12.97 29.03 22.12
CA ILE D 8 13.53 27.69 21.96
C ILE D 8 13.94 27.10 23.32
N ASP D 9 14.71 27.85 24.10
CA ASP D 9 15.20 27.36 25.39
C ASP D 9 14.05 27.02 26.30
N GLN D 10 13.07 27.92 26.41
CA GLN D 10 12.05 27.68 27.40
C GLN D 10 10.99 26.74 26.90
N PHE D 11 10.82 26.66 25.59
CA PHE D 11 9.97 25.61 25.06
C PHE D 11 10.51 24.22 25.42
N LEU D 12 11.81 24.02 25.26
CA LEU D 12 12.43 22.76 25.70
C LEU D 12 12.14 22.54 27.16
N GLY D 13 12.53 23.51 27.99
CA GLY D 13 12.22 23.48 29.40
C GLY D 13 10.80 23.06 29.71
N THR D 14 9.81 23.54 28.96
CA THR D 14 8.41 23.22 29.27
C THR D 14 8.07 21.77 28.95
N ILE D 15 8.79 21.20 27.98
CA ILE D 15 8.64 19.80 27.61
C ILE D 15 9.27 18.88 28.65
N MET D 16 10.43 19.30 29.16
CA MET D 16 11.02 18.66 30.35
C MET D 16 9.98 18.54 31.46
N GLN D 17 9.44 19.68 31.87
CA GLN D 17 8.55 19.70 33.00
C GLN D 17 7.22 19.02 32.71
N PHE D 18 6.83 19.01 31.44
CA PHE D 18 5.67 18.24 31.02
C PHE D 18 5.93 16.73 31.05
N ALA D 19 7.12 16.31 30.61
CA ALA D 19 7.45 14.88 30.52
C ALA D 19 7.56 14.18 31.87
N GLU D 20 8.10 14.90 32.85
CA GLU D 20 8.27 14.35 34.20
C GLU D 20 9.40 13.34 34.22
N ASN D 21 9.02 12.11 34.53
CA ASN D 21 9.96 11.00 34.47
C ASN D 21 9.52 9.97 33.43
N LYS D 22 8.77 10.43 32.44
CA LYS D 22 8.33 9.54 31.37
C LYS D 22 9.30 9.59 30.20
N HIS D 23 9.50 8.47 29.51
CA HIS D 23 10.40 8.51 28.36
C HIS D 23 9.62 8.74 27.06
N GLU D 24 8.42 9.28 27.21
CA GLU D 24 7.46 9.41 26.12
C GLU D 24 6.56 10.63 26.35
N ILE D 25 6.13 11.27 25.27
CA ILE D 25 5.21 12.40 25.35
C ILE D 25 3.88 12.07 24.69
N LEU D 26 2.80 12.16 25.44
CA LEU D 26 1.46 12.03 24.87
C LEU D 26 0.53 13.05 25.53
N LEU D 27 -0.59 13.34 24.87
CA LEU D 27 -1.57 14.29 25.40
C LEU D 27 -2.75 13.57 26.07
N GLY D 28 -3.11 13.99 27.28
CA GLY D 28 -4.17 13.34 28.03
C GLY D 28 -3.66 12.12 28.79
N LYS D 29 -4.34 11.74 29.88
CA LYS D 29 -3.89 10.61 30.71
C LYS D 29 -4.39 9.26 30.20
N SER D 30 -3.64 8.21 30.54
CA SER D 30 -3.96 6.85 30.11
C SER D 30 -5.40 6.48 30.39
N GLU D 31 -6.07 5.94 29.38
CA GLU D 31 -7.51 5.67 29.46
C GLU D 31 -7.85 4.25 29.88
N SER D 32 -6.82 3.46 30.18
CA SER D 32 -7.00 2.08 30.62
C SER D 32 -6.88 2.01 32.13
N ASP D 33 -7.66 1.14 32.75
CA ASP D 33 -7.68 1.07 34.22
C ASP D 33 -6.33 0.61 34.78
N VAL D 34 -5.77 -0.44 34.18
CA VAL D 34 -4.47 -0.97 34.57
C VAL D 34 -3.41 0.12 34.57
N LYS D 35 -2.93 0.51 35.75
CA LYS D 35 -1.90 1.54 35.79
C LYS D 35 -0.51 0.96 35.51
N LEU D 36 0.03 1.36 34.37
CA LEU D 36 1.33 0.93 33.89
C LEU D 36 2.14 2.14 33.50
N THR D 37 3.46 2.04 33.56
CA THR D 37 4.33 3.06 33.01
C THR D 37 4.13 3.13 31.50
N SER D 38 4.54 4.25 30.89
CA SER D 38 4.40 4.40 29.44
C SER D 38 5.17 3.28 28.75
N THR D 39 6.46 3.20 29.00
CA THR D 39 7.28 2.06 28.60
C THR D 39 6.54 0.74 28.67
N GLN D 40 5.89 0.45 29.80
CA GLN D 40 5.15 -0.79 29.90
C GLN D 40 4.05 -0.84 28.85
N GLU D 41 3.25 0.20 28.76
CA GLU D 41 2.19 0.26 27.76
C GLU D 41 2.73 0.14 26.35
N HIS D 42 3.80 0.87 26.07
CA HIS D 42 4.40 0.80 24.75
C HIS D 42 4.75 -0.63 24.46
N ILE D 43 5.33 -1.32 25.44
CA ILE D 43 5.77 -2.69 25.21
C ILE D 43 4.61 -3.58 24.80
N LEU D 44 3.46 -3.37 25.42
CA LEU D 44 2.27 -4.12 25.03
C LEU D 44 1.91 -3.82 23.58
N MET D 45 1.82 -2.53 23.25
CA MET D 45 1.48 -2.10 21.91
C MET D 45 2.37 -2.81 20.92
N LEU D 46 3.67 -2.81 21.19
CA LEU D 46 4.64 -3.42 20.28
C LEU D 46 4.36 -4.90 20.08
N LEU D 47 3.96 -5.57 21.16
CA LEU D 47 3.72 -7.00 21.07
C LEU D 47 2.47 -7.26 20.25
N ALA D 48 1.37 -6.61 20.62
CA ALA D 48 0.16 -6.66 19.81
C ALA D 48 0.54 -6.60 18.33
N GLU D 49 1.44 -5.69 18.01
CA GLU D 49 1.99 -5.65 16.65
C GLU D 49 2.68 -6.99 16.42
N GLN D 50 3.83 -7.21 17.06
CA GLN D 50 4.58 -8.44 16.81
C GLN D 50 5.25 -9.00 18.07
N ILE D 51 5.13 -10.31 18.24
CA ILE D 51 5.90 -11.07 19.20
C ILE D 51 7.39 -10.72 19.06
N SER D 52 8.02 -10.22 20.12
CA SER D 52 9.45 -9.90 20.08
C SER D 52 10.25 -10.59 21.15
N THR D 53 11.56 -10.37 21.12
CA THR D 53 12.45 -10.84 22.15
C THR D 53 12.77 -9.64 23.03
N ASN D 54 13.49 -9.86 24.13
CA ASN D 54 13.98 -8.71 24.90
C ASN D 54 14.76 -7.70 24.02
N ALA D 55 15.83 -8.18 23.39
CA ALA D 55 16.75 -7.37 22.61
C ALA D 55 16.09 -6.46 21.58
N LYS D 56 15.06 -6.97 20.92
CA LYS D 56 14.33 -6.14 19.95
C LYS D 56 13.57 -5.00 20.63
N ILE D 57 12.89 -5.33 21.71
CA ILE D 57 12.13 -4.35 22.48
C ILE D 57 13.04 -3.24 22.97
N ALA D 58 14.22 -3.58 23.46
CA ALA D 58 15.16 -2.58 23.89
C ALA D 58 15.67 -1.75 22.70
N GLU D 59 15.84 -2.38 21.53
CA GLU D 59 16.28 -1.67 20.33
C GLU D 59 15.24 -0.67 19.82
N LYS D 60 13.97 -1.05 19.82
CA LYS D 60 12.90 -0.12 19.47
C LYS D 60 12.72 0.97 20.49
N LEU D 61 12.86 0.64 21.77
CA LEU D 61 12.63 1.61 22.84
C LEU D 61 13.87 2.45 23.15
N LYS D 62 15.04 2.02 22.70
CA LYS D 62 16.25 2.78 22.96
C LYS D 62 16.50 2.90 24.45
N ILE D 63 16.23 1.79 25.13
CA ILE D 63 16.54 1.65 26.54
C ILE D 63 17.27 0.32 26.65
N SER D 64 17.98 0.13 27.76
CA SER D 64 18.77 -1.08 27.97
C SER D 64 17.92 -2.36 28.06
N PRO D 65 18.54 -3.53 27.84
CA PRO D 65 17.80 -4.75 28.15
C PRO D 65 17.51 -4.80 29.65
N ALA D 66 18.44 -4.29 30.45
CA ALA D 66 18.23 -4.30 31.88
C ALA D 66 16.90 -3.64 32.26
N ALA D 67 16.59 -2.53 31.60
CA ALA D 67 15.32 -1.85 31.79
C ALA D 67 14.15 -2.66 31.28
N VAL D 68 14.38 -3.43 30.23
CA VAL D 68 13.29 -4.10 29.55
C VAL D 68 12.94 -5.32 30.36
N THR D 69 13.97 -6.00 30.86
CA THR D 69 13.76 -7.15 31.72
C THR D 69 12.77 -6.74 32.79
N LYS D 70 13.00 -5.56 33.35
CA LYS D 70 12.17 -5.07 34.45
C LYS D 70 10.75 -4.80 33.98
N ALA D 71 10.61 -4.03 32.91
CA ALA D 71 9.28 -3.68 32.43
C ALA D 71 8.49 -4.94 32.18
N LEU D 72 9.17 -5.97 31.69
CA LEU D 72 8.51 -7.22 31.32
C LEU D 72 8.12 -8.01 32.56
N LYS D 73 9.03 -8.08 33.54
CA LYS D 73 8.77 -8.75 34.81
C LYS D 73 7.50 -8.21 35.47
N LYS D 74 7.32 -6.89 35.43
CA LYS D 74 6.16 -6.26 36.07
C LYS D 74 4.93 -6.53 35.23
N LEU D 75 5.09 -6.42 33.92
CA LEU D 75 4.05 -6.73 32.97
C LEU D 75 3.58 -8.20 33.08
N GLN D 76 4.52 -9.10 33.25
CA GLN D 76 4.20 -10.51 33.47
C GLN D 76 3.54 -10.67 34.83
N GLU D 77 4.18 -10.13 35.86
CA GLU D 77 3.67 -10.19 37.23
C GLU D 77 2.17 -9.89 37.26
N GLN D 78 1.73 -9.09 36.29
CA GLN D 78 0.33 -8.68 36.20
C GLN D 78 -0.42 -9.42 35.10
N GLU D 79 0.15 -10.54 34.67
CA GLU D 79 -0.50 -11.44 33.74
C GLU D 79 -0.97 -10.77 32.45
N LEU D 80 -0.15 -9.92 31.86
CA LEU D 80 -0.47 -9.30 30.58
C LEU D 80 0.30 -9.97 29.42
N ILE D 81 1.54 -10.34 29.69
CA ILE D 81 2.36 -11.03 28.72
C ILE D 81 2.80 -12.35 29.31
N LYS D 82 3.24 -13.26 28.46
CA LYS D 82 3.75 -14.56 28.88
C LYS D 82 4.91 -14.84 27.93
N SER D 83 5.78 -15.79 28.28
CA SER D 83 6.90 -16.07 27.39
C SER D 83 6.90 -17.52 26.95
N SER D 84 7.63 -17.77 25.87
CA SER D 84 7.68 -19.10 25.30
C SER D 84 8.40 -20.00 26.28
N ARG D 85 9.28 -19.41 27.06
CA ARG D 85 10.21 -20.16 27.88
C ARG D 85 9.48 -21.22 28.71
N ALA D 86 8.16 -21.04 28.87
CA ALA D 86 7.34 -21.90 29.71
C ALA D 86 6.66 -23.05 28.95
N THR D 87 6.48 -22.85 27.64
CA THR D 87 5.60 -23.68 26.82
C THR D 87 6.35 -24.36 25.68
N ASN D 88 7.54 -23.86 25.35
CA ASN D 88 8.22 -24.23 24.11
C ASN D 88 9.73 -24.41 24.31
N ASP D 89 10.33 -25.47 23.78
CA ASP D 89 11.76 -25.67 24.09
C ASP D 89 12.71 -24.91 23.19
N GLU D 90 12.18 -23.91 22.48
CA GLU D 90 13.01 -23.07 21.62
C GLU D 90 14.04 -22.25 22.41
N ARG D 91 15.24 -22.12 21.84
CA ARG D 91 16.33 -21.37 22.46
C ARG D 91 15.98 -19.91 22.56
N VAL D 92 15.17 -19.41 21.63
CA VAL D 92 14.79 -18.01 21.62
C VAL D 92 13.76 -17.76 22.72
N VAL D 93 13.74 -16.56 23.32
CA VAL D 93 12.74 -16.29 24.34
C VAL D 93 11.77 -15.24 23.85
N LEU D 94 10.51 -15.65 23.67
CA LEU D 94 9.55 -14.83 22.94
C LEU D 94 8.33 -14.41 23.71
N TRP D 95 8.14 -13.10 23.78
CA TRP D 95 7.07 -12.52 24.57
C TRP D 95 5.84 -12.28 23.73
N SER D 96 4.67 -12.59 24.27
CA SER D 96 3.43 -12.33 23.58
C SER D 96 2.39 -11.81 24.54
N LEU D 97 1.28 -11.34 24.01
CA LEU D 97 0.23 -10.79 24.85
C LEU D 97 -0.74 -11.85 25.34
N THR D 98 -1.25 -11.68 26.56
CA THR D 98 -2.36 -12.50 27.04
C THR D 98 -3.65 -11.78 26.68
N GLU D 99 -4.76 -12.51 26.66
CA GLU D 99 -6.01 -11.90 26.20
C GLU D 99 -6.33 -10.64 26.97
N LYS D 100 -5.86 -10.61 28.22
CA LYS D 100 -6.10 -9.50 29.13
C LYS D 100 -5.52 -8.19 28.59
N ALA D 101 -4.45 -8.31 27.81
CA ALA D 101 -3.69 -7.16 27.37
C ALA D 101 -4.16 -6.58 26.03
N VAL D 102 -4.81 -7.41 25.22
CA VAL D 102 -5.28 -6.93 23.93
C VAL D 102 -5.98 -5.57 23.99
N PRO D 103 -6.94 -5.39 24.92
CA PRO D 103 -7.65 -4.11 24.95
C PRO D 103 -6.75 -2.92 25.26
N VAL D 104 -6.00 -2.98 26.36
CA VAL D 104 -5.16 -1.86 26.80
C VAL D 104 -4.08 -1.51 25.77
N ALA D 105 -3.72 -2.46 24.93
CA ALA D 105 -2.76 -2.18 23.86
C ALA D 105 -3.44 -1.31 22.82
N LYS D 106 -4.70 -1.61 22.52
CA LYS D 106 -5.47 -0.83 21.56
C LYS D 106 -5.63 0.59 22.10
N GLU D 107 -5.86 0.68 23.40
CA GLU D 107 -6.00 1.97 24.04
C GLU D 107 -4.73 2.76 23.75
N HIS D 108 -3.58 2.23 24.16
CA HIS D 108 -2.33 2.97 24.02
C HIS D 108 -2.05 3.31 22.57
N ALA D 109 -2.47 2.44 21.66
CA ALA D 109 -2.31 2.70 20.23
C ALA D 109 -3.03 3.99 19.86
N THR D 110 -4.34 4.00 20.10
CA THR D 110 -5.16 5.13 19.72
C THR D 110 -4.76 6.39 20.48
N HIS D 111 -4.36 6.23 21.73
CA HIS D 111 -3.73 7.32 22.47
C HIS D 111 -2.61 7.98 21.63
N HIS D 112 -1.72 7.18 21.06
CA HIS D 112 -0.64 7.66 20.21
C HIS D 112 -1.13 8.33 18.94
N GLU D 113 -2.38 8.03 18.58
CA GLU D 113 -2.96 8.53 17.35
C GLU D 113 -3.67 9.86 17.59
N LYS D 114 -4.43 9.92 18.69
CA LYS D 114 -5.12 11.14 19.08
C LYS D 114 -4.12 12.27 19.31
N THR D 115 -2.98 11.94 19.89
CA THR D 115 -1.88 12.88 20.06
C THR D 115 -1.34 13.33 18.70
N LEU D 116 -1.06 12.38 17.81
CA LEU D 116 -0.56 12.70 16.48
C LEU D 116 -1.58 13.51 15.67
N SER D 117 -2.87 13.26 15.91
CA SER D 117 -3.93 13.99 15.22
C SER D 117 -4.12 15.39 15.80
N THR D 118 -3.73 15.60 17.05
CA THR D 118 -3.76 16.94 17.60
C THR D 118 -2.62 17.76 17.00
N TYR D 119 -1.48 17.12 16.82
CA TYR D 119 -0.35 17.76 16.16
C TYR D 119 -0.71 18.13 14.76
N GLN D 120 -1.32 17.20 14.02
CA GLN D 120 -1.72 17.48 12.64
C GLN D 120 -2.81 18.56 12.58
N GLU D 121 -3.74 18.53 13.53
CA GLU D 121 -4.76 19.57 13.61
C GLU D 121 -4.08 20.93 13.64
N LEU D 122 -3.15 21.05 14.57
CA LEU D 122 -2.28 22.22 14.70
C LEU D 122 -1.72 22.70 13.36
N GLY D 123 -0.92 21.86 12.72
CA GLY D 123 -0.22 22.20 11.50
C GLY D 123 -1.17 22.62 10.40
N ASN D 124 -2.43 22.24 10.51
CA ASN D 124 -3.41 22.58 9.49
C ASN D 124 -3.81 24.05 9.54
N LYS D 125 -3.44 24.71 10.63
CA LYS D 125 -3.65 26.15 10.72
C LYS D 125 -2.62 26.88 9.88
N PHE D 126 -1.41 26.34 9.78
CA PHE D 126 -0.38 26.93 8.93
C PHE D 126 -0.57 26.57 7.47
N THR D 127 -0.30 27.51 6.59
CA THR D 127 -0.38 27.28 5.15
C THR D 127 0.74 26.33 4.73
N ASP D 128 0.57 25.65 3.59
CA ASP D 128 1.57 24.69 3.11
C ASP D 128 2.96 25.30 2.97
N GLU D 129 3.01 26.57 2.62
CA GLU D 129 4.27 27.28 2.53
C GLU D 129 4.87 27.42 3.93
N GLU D 130 4.02 27.80 4.88
CA GLU D 130 4.43 27.98 6.26
C GLU D 130 4.88 26.68 6.95
N GLN D 131 4.28 25.55 6.58
CA GLN D 131 4.66 24.25 7.11
C GLN D 131 6.08 23.86 6.66
N GLU D 132 6.42 24.19 5.44
CA GLU D 132 7.74 23.87 4.89
C GLU D 132 8.84 24.54 5.71
N VAL D 133 8.55 25.74 6.22
CA VAL D 133 9.52 26.44 7.04
C VAL D 133 9.65 25.71 8.37
N ILE D 134 8.52 25.52 9.03
CA ILE D 134 8.46 24.86 10.32
C ILE D 134 9.22 23.55 10.30
N SER D 135 9.08 22.81 9.20
CA SER D 135 9.75 21.54 9.04
C SER D 135 11.26 21.72 8.92
N LYS D 136 11.67 22.70 8.12
CA LYS D 136 13.10 22.96 7.96
C LYS D 136 13.69 23.37 9.31
N PHE D 137 12.85 24.02 10.10
CA PHE D 137 13.21 24.41 11.46
C PHE D 137 13.46 23.20 12.35
N LEU D 138 12.50 22.28 12.37
CA LEU D 138 12.63 21.07 13.19
C LEU D 138 13.83 20.28 12.76
N SER D 139 14.12 20.31 11.47
CA SER D 139 15.21 19.54 10.91
C SER D 139 16.53 20.15 11.39
N ALA D 140 16.61 21.47 11.30
CA ALA D 140 17.76 22.19 11.78
C ALA D 140 17.96 21.89 13.26
N LEU D 141 16.87 21.97 14.00
CA LEU D 141 16.92 21.89 15.46
C LEU D 141 17.38 20.52 15.90
N THR D 142 16.86 19.49 15.23
CA THR D 142 17.11 18.11 15.58
C THR D 142 18.56 17.67 15.35
N GLU D 143 19.27 18.40 14.48
CA GLU D 143 20.65 18.03 14.19
C GLU D 143 21.59 18.63 15.21
N GLU D 144 21.06 19.56 16.00
CA GLU D 144 21.81 20.17 17.10
C GLU D 144 21.90 19.18 18.24
N PHE D 145 20.96 18.24 18.27
CA PHE D 145 20.92 17.23 19.31
C PHE D 145 21.59 15.92 18.94
N GLN D 146 22.80 16.02 18.39
CA GLN D 146 23.62 14.86 18.04
C GLN D 146 24.83 15.26 17.19
N MET E 2 6.20 11.79 5.18
CA MET E 2 5.81 11.93 6.59
C MET E 2 5.04 13.24 6.85
N SER E 3 3.84 13.12 7.41
CA SER E 3 3.03 14.30 7.70
C SER E 3 3.89 15.24 8.51
N LEU E 4 3.44 16.48 8.68
CA LEU E 4 4.13 17.39 9.59
C LEU E 4 4.01 16.80 11.00
N ALA E 5 2.80 16.35 11.32
CA ALA E 5 2.51 15.77 12.64
C ALA E 5 3.63 14.87 13.10
N ASN E 6 4.01 13.91 12.26
CA ASN E 6 5.08 12.96 12.60
C ASN E 6 6.40 13.63 12.94
N GLN E 7 6.79 14.59 12.11
CA GLN E 7 8.06 15.24 12.32
C GLN E 7 8.10 15.79 13.74
N ILE E 8 7.02 16.48 14.11
CA ILE E 8 6.82 17.01 15.46
C ILE E 8 6.93 15.89 16.47
N ASP E 9 6.03 14.92 16.33
CA ASP E 9 6.04 13.72 17.15
C ASP E 9 7.47 13.15 17.30
N GLN E 10 8.16 12.91 16.19
CA GLN E 10 9.53 12.39 16.30
C GLN E 10 10.46 13.35 17.05
N PHE E 11 10.30 14.66 16.79
CA PHE E 11 11.17 15.66 17.41
C PHE E 11 11.13 15.59 18.93
N LEU E 12 9.92 15.59 19.47
CA LEU E 12 9.75 15.44 20.90
C LEU E 12 10.53 14.20 21.35
N GLY E 13 10.40 13.11 20.60
CA GLY E 13 11.09 11.88 20.93
C GLY E 13 12.60 11.99 20.87
N THR E 14 13.09 12.69 19.87
CA THR E 14 14.52 12.93 19.74
C THR E 14 14.98 13.63 21.01
N ILE E 15 14.29 14.71 21.32
CA ILE E 15 14.58 15.51 22.50
C ILE E 15 14.68 14.63 23.72
N MET E 16 13.68 13.79 23.96
CA MET E 16 13.71 12.87 25.10
C MET E 16 14.94 11.99 25.06
N GLN E 17 15.26 11.48 23.87
CA GLN E 17 16.40 10.59 23.74
C GLN E 17 17.64 11.36 24.16
N PHE E 18 17.66 12.67 23.89
CA PHE E 18 18.80 13.50 24.29
C PHE E 18 18.85 13.71 25.79
N ALA E 19 17.69 14.00 26.38
CA ALA E 19 17.58 14.46 27.76
C ALA E 19 18.00 13.40 28.75
N GLU E 20 17.70 12.14 28.43
CA GLU E 20 18.17 11.00 29.20
C GLU E 20 17.71 11.07 30.64
N ASN E 21 18.69 11.13 31.55
CA ASN E 21 18.42 11.16 32.99
C ASN E 21 18.45 12.59 33.54
N LYS E 22 18.81 13.55 32.69
CA LYS E 22 18.93 14.95 33.12
C LYS E 22 17.57 15.62 33.15
N HIS E 23 17.52 16.86 33.63
CA HIS E 23 16.25 17.56 33.73
C HIS E 23 16.26 18.91 33.03
N GLU E 24 17.22 19.11 32.14
CA GLU E 24 17.26 20.32 31.34
C GLU E 24 18.15 20.05 30.15
N ILE E 25 18.03 20.90 29.14
CA ILE E 25 18.66 20.66 27.84
C ILE E 25 19.75 21.69 27.55
N LEU E 26 20.99 21.23 27.56
CA LEU E 26 22.11 22.06 27.12
C LEU E 26 22.88 21.30 26.04
N LEU E 27 23.21 21.99 24.95
CA LEU E 27 24.00 21.38 23.89
C LEU E 27 25.46 21.38 24.27
N GLY E 28 26.16 20.30 23.92
CA GLY E 28 27.56 20.18 24.24
C GLY E 28 27.73 19.59 25.62
N LYS E 29 28.91 19.04 25.89
CA LYS E 29 29.19 18.45 27.19
C LYS E 29 29.71 19.53 28.13
N SER E 30 29.42 19.40 29.43
CA SER E 30 29.90 20.38 30.40
C SER E 30 31.42 20.27 30.50
N GLU E 31 32.08 21.42 30.60
CA GLU E 31 33.53 21.45 30.72
C GLU E 31 33.95 21.61 32.18
N SER E 32 32.96 21.54 33.06
CA SER E 32 33.19 21.65 34.49
C SER E 32 34.29 20.71 34.94
N ASP E 33 35.24 21.24 35.72
CA ASP E 33 36.34 20.44 36.23
C ASP E 33 35.85 19.43 37.26
N VAL E 34 34.79 19.79 38.00
CA VAL E 34 34.20 18.87 38.96
C VAL E 34 33.04 18.08 38.32
N LYS E 35 32.98 16.78 38.60
CA LYS E 35 31.93 15.93 38.03
C LYS E 35 30.73 15.95 38.95
N LEU E 36 29.61 16.44 38.43
CA LEU E 36 28.39 16.57 39.21
C LEU E 36 27.24 16.50 38.27
N THR E 37 26.06 16.21 38.81
CA THR E 37 24.83 16.23 38.02
C THR E 37 24.53 17.62 37.49
N SER E 38 23.81 17.69 36.39
CA SER E 38 23.38 18.94 35.80
C SER E 38 22.74 19.82 36.87
N THR E 39 21.69 19.29 37.47
CA THR E 39 20.99 19.95 38.57
C THR E 39 21.93 20.54 39.63
N GLN E 40 22.73 19.68 40.25
CA GLN E 40 23.79 20.10 41.18
C GLN E 40 24.61 21.28 40.67
N GLU E 41 24.94 21.30 39.39
CA GLU E 41 25.71 22.42 38.88
C GLU E 41 24.80 23.64 38.74
N HIS E 42 23.58 23.43 38.28
CA HIS E 42 22.65 24.52 38.13
C HIS E 42 22.51 25.23 39.46
N ILE E 43 22.37 24.44 40.51
CA ILE E 43 22.27 24.96 41.85
C ILE E 43 23.44 25.87 42.13
N LEU E 44 24.66 25.43 41.83
CA LEU E 44 25.78 26.33 42.00
C LEU E 44 25.56 27.65 41.23
N MET E 45 25.04 27.57 40.02
CA MET E 45 24.76 28.79 39.25
C MET E 45 23.72 29.67 39.95
N LEU E 46 22.80 29.06 40.69
CA LEU E 46 21.79 29.84 41.40
C LEU E 46 22.41 30.51 42.62
N LEU E 47 23.06 29.70 43.44
CA LEU E 47 23.69 30.16 44.66
C LEU E 47 24.71 31.25 44.43
N ALA E 48 25.16 31.38 43.19
CA ALA E 48 26.13 32.40 42.88
C ALA E 48 25.44 33.72 42.64
N GLU E 49 24.12 33.65 42.44
CA GLU E 49 23.31 34.82 42.19
C GLU E 49 22.79 35.35 43.48
N GLN E 50 22.41 34.44 44.37
CA GLN E 50 21.72 34.82 45.59
C GLN E 50 21.69 33.69 46.63
N ILE E 51 22.09 34.02 47.86
CA ILE E 51 21.92 33.15 49.01
C ILE E 51 20.48 32.64 49.07
N SER E 52 20.32 31.32 49.28
CA SER E 52 19.02 30.68 49.11
C SER E 52 18.73 29.51 50.05
N THR E 53 17.44 29.26 50.22
CA THR E 53 16.94 28.16 51.01
C THR E 53 16.58 26.95 50.17
N ASN E 54 16.51 25.80 50.84
CA ASN E 54 16.00 24.61 50.21
C ASN E 54 14.73 24.91 49.41
N ALA E 55 13.81 25.67 49.98
CA ALA E 55 12.50 25.81 49.35
C ALA E 55 12.57 26.63 48.09
N LYS E 56 13.36 27.69 48.12
CA LYS E 56 13.48 28.60 46.99
C LYS E 56 14.19 27.89 45.83
N ILE E 57 15.18 27.05 46.16
CA ILE E 57 15.85 26.26 45.14
C ILE E 57 14.89 25.25 44.49
N ALA E 58 14.10 24.55 45.28
CA ALA E 58 13.12 23.66 44.67
C ALA E 58 12.06 24.42 43.87
N GLU E 59 11.86 25.69 44.16
CA GLU E 59 10.89 26.45 43.38
C GLU E 59 11.49 26.87 42.02
N LYS E 60 12.76 27.27 42.04
CA LYS E 60 13.46 27.60 40.81
C LYS E 60 13.67 26.36 39.96
N LEU E 61 14.24 25.32 40.56
CA LEU E 61 14.51 24.08 39.86
C LEU E 61 13.21 23.32 39.51
N LYS E 62 12.14 23.63 40.23
CA LYS E 62 10.87 22.99 39.95
C LYS E 62 10.99 21.48 40.24
N ILE E 63 11.93 21.12 41.12
CA ILE E 63 11.96 19.75 41.62
C ILE E 63 11.44 19.73 43.04
N SER E 64 11.79 18.70 43.79
CA SER E 64 11.29 18.56 45.16
C SER E 64 12.36 18.87 46.20
N PRO E 65 11.93 19.35 47.37
CA PRO E 65 12.82 19.53 48.52
C PRO E 65 13.71 18.30 48.81
N ALA E 66 13.14 17.11 48.79
CA ALA E 66 13.98 15.91 48.87
C ALA E 66 15.10 15.87 47.81
N ALA E 67 14.76 16.22 46.57
CA ALA E 67 15.74 16.26 45.51
C ALA E 67 16.79 17.30 45.83
N VAL E 68 16.31 18.46 46.28
CA VAL E 68 17.18 19.55 46.72
C VAL E 68 18.10 19.14 47.85
N THR E 69 17.52 18.57 48.90
CA THR E 69 18.30 18.04 50.01
C THR E 69 19.47 17.18 49.54
N LYS E 70 19.15 16.16 48.72
CA LYS E 70 20.15 15.22 48.27
C LYS E 70 21.21 15.93 47.43
N ALA E 71 20.77 16.78 46.49
CA ALA E 71 21.70 17.57 45.69
C ALA E 71 22.62 18.36 46.61
N LEU E 72 22.05 18.95 47.66
CA LEU E 72 22.83 19.72 48.63
C LEU E 72 23.85 18.88 49.40
N LYS E 73 23.47 17.72 49.93
CA LYS E 73 24.45 16.90 50.62
C LYS E 73 25.68 16.62 49.73
N LYS E 74 25.45 16.25 48.47
CA LYS E 74 26.54 15.93 47.54
C LYS E 74 27.43 17.15 47.40
N LEU E 75 26.80 18.28 47.12
CA LEU E 75 27.51 19.54 46.96
C LEU E 75 28.31 19.89 48.20
N GLN E 76 27.79 19.55 49.37
CA GLN E 76 28.50 19.86 50.59
C GLN E 76 29.75 19.01 50.68
N GLU E 77 29.57 17.71 50.45
CA GLU E 77 30.64 16.71 50.61
C GLU E 77 31.90 17.07 49.83
N GLN E 78 31.75 17.81 48.74
CA GLN E 78 32.91 18.18 47.96
C GLN E 78 33.32 19.62 48.25
N GLU E 79 33.00 20.06 49.47
CA GLU E 79 33.31 21.40 49.95
C GLU E 79 32.95 22.48 48.91
N LEU E 80 31.77 22.35 48.30
CA LEU E 80 31.36 23.25 47.22
C LEU E 80 30.44 24.37 47.68
N ILE E 81 29.60 24.11 48.67
CA ILE E 81 28.75 25.14 49.24
C ILE E 81 28.93 25.20 50.75
N LYS E 82 28.22 26.11 51.40
CA LYS E 82 28.30 26.21 52.86
C LYS E 82 27.03 26.74 53.53
N SER E 83 26.76 26.22 54.72
CA SER E 83 25.57 26.55 55.49
C SER E 83 25.76 27.76 56.42
N SER E 84 24.66 28.46 56.69
CA SER E 84 24.65 29.58 57.61
C SER E 84 23.19 29.91 57.95
N ARG E 85 22.97 30.87 58.85
CA ARG E 85 21.62 31.13 59.35
C ARG E 85 21.07 32.49 58.98
N ALA E 86 19.78 32.52 58.66
CA ALA E 86 19.08 33.78 58.44
C ALA E 86 19.22 34.70 59.65
N THR E 87 19.70 35.91 59.40
CA THR E 87 19.90 36.91 60.46
C THR E 87 18.58 37.20 61.16
N ASN E 88 17.50 37.14 60.41
CA ASN E 88 16.18 37.32 60.98
C ASN E 88 15.73 36.18 61.90
N ASP E 89 15.25 35.09 61.31
CA ASP E 89 14.87 33.88 62.03
C ASP E 89 16.07 32.92 62.08
N GLU E 90 16.69 32.75 63.25
CA GLU E 90 17.92 31.96 63.37
C GLU E 90 17.81 30.51 62.91
N ARG E 91 16.63 29.93 63.05
CA ARG E 91 16.41 28.54 62.63
C ARG E 91 16.01 28.43 61.16
N VAL E 92 16.72 29.15 60.30
CA VAL E 92 16.46 29.08 58.88
C VAL E 92 17.78 28.92 58.15
N VAL E 93 17.94 27.83 57.42
CA VAL E 93 19.23 27.53 56.80
C VAL E 93 19.45 28.11 55.39
N LEU E 94 20.58 28.82 55.23
CA LEU E 94 20.94 29.44 53.98
C LEU E 94 22.23 28.86 53.42
N TRP E 95 22.18 28.49 52.15
CA TRP E 95 23.32 27.97 51.45
C TRP E 95 23.95 29.05 50.58
N SER E 96 25.27 29.00 50.46
CA SER E 96 25.99 29.92 49.60
C SER E 96 27.28 29.29 49.11
N LEU E 97 27.83 29.82 48.03
CA LEU E 97 29.01 29.22 47.36
C LEU E 97 30.31 29.39 48.14
N THR E 98 31.24 28.46 47.91
CA THR E 98 32.62 28.61 48.39
C THR E 98 33.47 29.07 47.22
N GLU E 99 34.76 29.28 47.46
CA GLU E 99 35.64 29.70 46.38
C GLU E 99 35.86 28.56 45.38
N LYS E 100 35.64 27.32 45.86
CA LYS E 100 35.77 26.14 45.01
C LYS E 100 34.68 26.13 43.93
N ALA E 101 33.55 26.76 44.23
CA ALA E 101 32.38 26.68 43.37
C ALA E 101 32.31 27.76 42.28
N VAL E 102 32.88 28.92 42.57
CA VAL E 102 32.70 30.09 41.70
C VAL E 102 33.01 29.81 40.24
N PRO E 103 34.15 29.15 39.97
CA PRO E 103 34.48 28.72 38.62
C PRO E 103 33.43 27.79 38.03
N VAL E 104 33.03 26.79 38.81
CA VAL E 104 32.05 25.83 38.34
C VAL E 104 30.73 26.52 38.00
N ALA E 105 30.28 27.43 38.86
CA ALA E 105 29.04 28.16 38.62
C ALA E 105 29.15 28.96 37.35
N LYS E 106 30.30 29.59 37.14
CA LYS E 106 30.53 30.38 35.94
C LYS E 106 30.42 29.46 34.74
N GLU E 107 31.05 28.30 34.84
CA GLU E 107 31.02 27.33 33.76
C GLU E 107 29.59 26.98 33.36
N HIS E 108 28.81 26.47 34.30
CA HIS E 108 27.41 26.13 34.01
C HIS E 108 26.57 27.27 33.44
N ALA E 109 26.94 28.52 33.70
CA ALA E 109 26.14 29.64 33.19
C ALA E 109 26.59 30.04 31.79
N THR E 110 27.84 29.72 31.48
CA THR E 110 28.37 29.94 30.13
C THR E 110 27.87 28.84 29.19
N HIS E 111 27.80 27.62 29.71
CA HIS E 111 27.18 26.53 28.99
C HIS E 111 25.75 26.90 28.61
N HIS E 112 25.04 27.54 29.52
CA HIS E 112 23.68 27.96 29.23
C HIS E 112 23.61 29.02 28.15
N GLU E 113 24.66 29.83 27.99
CA GLU E 113 24.63 30.86 26.96
C GLU E 113 25.14 30.36 25.61
N LYS E 114 26.28 29.69 25.62
CA LYS E 114 26.76 29.01 24.42
C LYS E 114 25.61 28.19 23.79
N THR E 115 24.82 27.55 24.65
CA THR E 115 23.64 26.85 24.17
C THR E 115 22.63 27.83 23.57
N LEU E 116 22.29 28.85 24.33
CA LEU E 116 21.32 29.84 23.89
C LEU E 116 21.68 30.45 22.53
N SER E 117 22.97 30.54 22.25
CA SER E 117 23.45 31.21 21.04
C SER E 117 23.46 30.26 19.83
N THR E 118 23.85 29.02 20.10
CA THR E 118 23.69 27.94 19.12
C THR E 118 22.25 28.00 18.58
N TYR E 119 21.29 28.18 19.49
CA TYR E 119 19.89 28.34 19.13
C TYR E 119 19.64 29.61 18.34
N GLN E 120 20.32 30.69 18.69
CA GLN E 120 20.09 31.94 17.95
C GLN E 120 20.69 31.87 16.55
N GLU E 121 21.93 31.38 16.46
CA GLU E 121 22.57 31.21 15.16
C GLU E 121 21.72 30.33 14.26
N LEU E 122 21.13 29.28 14.83
CA LEU E 122 20.14 28.49 14.13
C LEU E 122 18.98 29.40 13.72
N GLY E 123 18.33 30.01 14.71
CA GLY E 123 17.17 30.85 14.47
C GLY E 123 17.31 31.96 13.43
N ASN E 124 18.37 32.76 13.56
CA ASN E 124 18.56 33.89 12.66
C ASN E 124 19.01 33.44 11.27
N LYS E 125 19.22 32.13 11.12
CA LYS E 125 19.58 31.53 9.83
C LYS E 125 18.33 31.48 8.96
N PHE E 126 17.24 32.04 9.48
CA PHE E 126 15.98 32.17 8.77
C PHE E 126 15.69 33.65 8.66
N THR E 127 14.78 34.02 7.76
CA THR E 127 14.45 35.42 7.57
C THR E 127 13.52 35.90 8.68
N ASP E 128 13.47 37.21 8.93
CA ASP E 128 12.63 37.77 9.98
C ASP E 128 11.17 37.38 9.75
N GLU E 129 10.84 37.24 8.46
CA GLU E 129 9.49 36.95 7.99
C GLU E 129 9.14 35.48 8.24
N GLU E 130 10.13 34.62 8.01
CA GLU E 130 10.02 33.21 8.35
C GLU E 130 10.15 33.01 9.86
N GLN E 131 11.02 33.78 10.49
CA GLN E 131 11.19 33.77 11.95
C GLN E 131 9.89 34.10 12.68
N GLU E 132 8.98 34.74 11.97
CA GLU E 132 7.73 35.16 12.57
C GLU E 132 6.81 33.95 12.64
N VAL E 133 6.98 33.06 11.66
CA VAL E 133 6.22 31.82 11.55
C VAL E 133 6.62 30.82 12.63
N ILE E 134 7.91 30.52 12.71
CA ILE E 134 8.44 29.65 13.75
C ILE E 134 7.88 30.02 15.11
N SER E 135 8.12 31.26 15.53
CA SER E 135 7.62 31.77 16.78
C SER E 135 6.15 31.46 16.94
N LYS E 136 5.36 31.80 15.93
CA LYS E 136 3.93 31.56 16.03
C LYS E 136 3.64 30.08 16.26
N PHE E 137 4.48 29.22 15.71
CA PHE E 137 4.38 27.75 15.85
C PHE E 137 4.70 27.23 17.26
N LEU E 138 5.85 27.62 17.82
CA LEU E 138 6.22 27.18 19.17
C LEU E 138 5.17 27.57 20.16
N SER E 139 4.64 28.78 20.04
CA SER E 139 3.64 29.24 20.98
C SER E 139 2.38 28.40 20.84
N ALA E 140 2.07 27.99 19.61
CA ALA E 140 0.86 27.22 19.35
C ALA E 140 1.01 25.80 19.86
N LEU E 141 2.26 25.37 19.96
CA LEU E 141 2.58 24.04 20.44
C LEU E 141 2.68 23.98 21.97
N THR E 142 3.49 24.85 22.57
CA THR E 142 3.57 24.90 24.03
C THR E 142 2.18 24.81 24.63
N GLU E 143 1.20 25.35 23.91
CA GLU E 143 -0.18 25.39 24.37
C GLU E 143 -0.76 24.01 24.62
N GLU E 144 -0.41 23.07 23.74
CA GLU E 144 -0.94 21.72 23.84
C GLU E 144 -0.59 21.13 25.19
N PHE E 145 0.57 21.53 25.71
CA PHE E 145 1.03 21.00 26.98
C PHE E 145 0.57 21.83 28.17
N GLN E 146 -0.72 22.18 28.18
CA GLN E 146 -1.30 22.98 29.25
C GLN E 146 -2.60 22.39 29.79
N MET G 2 -24.51 -24.94 9.84
CA MET G 2 -23.23 -25.65 9.94
C MET G 2 -22.22 -24.87 10.77
N SER G 3 -21.07 -25.48 11.03
CA SER G 3 -19.98 -24.75 11.68
C SER G 3 -19.10 -24.17 10.59
N LEU G 4 -19.52 -24.36 9.34
CA LEU G 4 -18.89 -23.62 8.25
C LEU G 4 -19.73 -22.40 7.96
N ALA G 5 -20.91 -22.61 7.37
CA ALA G 5 -21.83 -21.51 7.08
C ALA G 5 -21.75 -20.38 8.12
N ASN G 6 -21.61 -20.74 9.40
CA ASN G 6 -21.52 -19.73 10.45
C ASN G 6 -20.20 -18.98 10.46
N GLN G 7 -19.12 -19.66 10.09
CA GLN G 7 -17.84 -18.97 9.90
C GLN G 7 -18.03 -17.92 8.83
N ILE G 8 -18.58 -18.36 7.70
CA ILE G 8 -18.88 -17.47 6.59
C ILE G 8 -19.62 -16.25 7.12
N ASP G 9 -20.82 -16.45 7.66
CA ASP G 9 -21.65 -15.30 8.01
C ASP G 9 -20.91 -14.30 8.90
N GLN G 10 -20.32 -14.78 9.99
CA GLN G 10 -19.63 -13.85 10.89
C GLN G 10 -18.26 -13.42 10.37
N PHE G 11 -17.83 -14.03 9.28
CA PHE G 11 -16.71 -13.49 8.54
C PHE G 11 -17.18 -12.20 7.89
N LEU G 12 -18.23 -12.30 7.07
CA LEU G 12 -18.83 -11.09 6.51
C LEU G 12 -18.97 -10.01 7.60
N GLY G 13 -19.55 -10.38 8.73
CA GLY G 13 -19.57 -9.47 9.85
C GLY G 13 -18.22 -8.82 10.07
N THR G 14 -17.17 -9.63 10.24
CA THR G 14 -15.83 -9.11 10.50
C THR G 14 -15.46 -8.04 9.48
N ILE G 15 -15.82 -8.30 8.23
CA ILE G 15 -15.57 -7.37 7.13
C ILE G 15 -16.38 -6.06 7.21
N MET G 16 -17.71 -6.15 7.19
CA MET G 16 -18.58 -4.97 7.34
C MET G 16 -18.10 -4.02 8.44
N GLN G 17 -17.79 -4.58 9.60
CA GLN G 17 -17.35 -3.79 10.72
C GLN G 17 -15.93 -3.29 10.52
N PHE G 18 -15.10 -4.04 9.81
CA PHE G 18 -13.75 -3.59 9.53
C PHE G 18 -13.70 -2.48 8.48
N ALA G 19 -14.63 -2.51 7.53
CA ALA G 19 -14.67 -1.50 6.48
C ALA G 19 -15.02 -0.17 7.09
N GLU G 20 -15.69 -0.24 8.22
CA GLU G 20 -16.31 0.93 8.82
C GLU G 20 -17.29 1.45 7.81
N ASN G 21 -17.01 2.62 7.25
CA ASN G 21 -17.87 3.21 6.26
C ASN G 21 -17.04 3.76 5.08
N LYS G 22 -15.94 3.04 4.81
CA LYS G 22 -15.13 3.23 3.62
C LYS G 22 -15.74 2.31 2.58
N HIS G 23 -15.52 2.57 1.32
CA HIS G 23 -16.12 1.70 0.31
C HIS G 23 -15.10 0.80 -0.38
N GLU G 24 -13.91 0.72 0.21
CA GLU G 24 -12.95 -0.32 -0.14
C GLU G 24 -12.23 -0.78 1.13
N ILE G 25 -11.48 -1.88 0.99
CA ILE G 25 -10.80 -2.49 2.12
C ILE G 25 -9.29 -2.56 1.89
N LEU G 26 -8.51 -2.04 2.82
CA LEU G 26 -7.06 -2.18 2.78
C LEU G 26 -6.47 -2.44 4.18
N LEU G 27 -5.36 -3.17 4.22
CA LEU G 27 -4.71 -3.49 5.49
C LEU G 27 -3.67 -2.44 5.85
N GLY G 28 -3.70 -2.01 7.11
CA GLY G 28 -2.77 -1.02 7.61
C GLY G 28 -3.31 0.39 7.47
N LYS G 29 -2.80 1.31 8.26
CA LYS G 29 -3.25 2.70 8.23
C LYS G 29 -2.74 3.45 7.00
N SER G 30 -3.51 4.44 6.52
CA SER G 30 -3.09 5.23 5.37
C SER G 30 -1.82 6.00 5.67
N GLU G 31 -0.86 5.92 4.76
CA GLU G 31 0.43 6.56 5.01
C GLU G 31 0.44 8.01 4.55
N SER G 32 -0.72 8.56 4.24
CA SER G 32 -0.83 9.80 3.48
C SER G 32 -0.70 11.10 4.27
N ASP G 33 0.22 11.96 3.83
CA ASP G 33 0.44 13.27 4.42
C ASP G 33 -0.82 14.11 4.36
N VAL G 34 -1.67 13.83 3.38
CA VAL G 34 -2.95 14.50 3.31
C VAL G 34 -4.09 13.64 3.87
N LYS G 35 -5.02 14.29 4.57
CA LYS G 35 -6.16 13.61 5.19
C LYS G 35 -7.30 13.52 4.18
N LEU G 36 -7.55 12.31 3.68
CA LEU G 36 -8.48 12.11 2.57
C LEU G 36 -9.25 10.84 2.74
N THR G 37 -10.52 10.82 2.34
CA THR G 37 -11.24 9.57 2.28
C THR G 37 -10.49 8.63 1.34
N SER G 38 -10.69 7.32 1.52
CA SER G 38 -10.08 6.38 0.59
C SER G 38 -10.59 6.63 -0.86
N THR G 39 -11.88 6.86 -1.01
CA THR G 39 -12.44 7.28 -2.29
C THR G 39 -11.55 8.34 -2.93
N GLN G 40 -11.26 9.39 -2.16
CA GLN G 40 -10.48 10.53 -2.65
C GLN G 40 -9.03 10.14 -2.94
N GLU G 41 -8.51 9.16 -2.22
CA GLU G 41 -7.14 8.70 -2.48
C GLU G 41 -7.13 7.92 -3.77
N HIS G 42 -8.07 6.97 -3.89
CA HIS G 42 -8.22 6.18 -5.09
C HIS G 42 -8.30 7.07 -6.34
N ILE G 43 -9.15 8.09 -6.29
CA ILE G 43 -9.32 8.95 -7.43
C ILE G 43 -8.00 9.54 -7.88
N LEU G 44 -7.14 9.90 -6.93
CA LEU G 44 -5.81 10.39 -7.31
C LEU G 44 -5.05 9.25 -7.99
N MET G 45 -5.15 8.05 -7.44
CA MET G 45 -4.53 6.91 -8.09
C MET G 45 -5.02 6.78 -9.53
N LEU G 46 -6.31 6.83 -9.74
CA LEU G 46 -6.85 6.76 -11.10
C LEU G 46 -6.19 7.80 -11.97
N LEU G 47 -6.44 9.07 -11.67
CA LEU G 47 -5.96 10.15 -12.53
C LEU G 47 -4.45 10.12 -12.77
N ALA G 48 -3.69 9.53 -11.84
CA ALA G 48 -2.25 9.47 -12.02
C ALA G 48 -1.94 8.44 -13.08
N GLU G 49 -2.87 7.51 -13.28
CA GLU G 49 -2.77 6.55 -14.38
C GLU G 49 -3.23 7.22 -15.65
N GLN G 50 -4.37 7.89 -15.58
CA GLN G 50 -4.93 8.52 -16.76
C GLN G 50 -5.94 9.64 -16.48
N ILE G 51 -5.57 10.85 -16.89
CA ILE G 51 -6.50 11.94 -17.15
C ILE G 51 -7.91 11.39 -17.42
N SER G 52 -8.88 11.73 -16.58
CA SER G 52 -10.20 11.13 -16.74
C SER G 52 -11.31 12.16 -16.59
N THR G 53 -12.55 11.74 -16.77
CA THR G 53 -13.66 12.62 -16.54
C THR G 53 -14.51 12.10 -15.40
N ASN G 54 -15.36 12.94 -14.83
CA ASN G 54 -16.24 12.51 -13.76
C ASN G 54 -16.84 11.13 -14.04
N ALA G 55 -17.63 11.03 -15.11
CA ALA G 55 -18.25 9.78 -15.55
C ALA G 55 -17.36 8.54 -15.50
N LYS G 56 -16.17 8.61 -16.10
CA LYS G 56 -15.27 7.46 -16.09
C LYS G 56 -14.92 7.09 -14.68
N ILE G 57 -14.54 8.08 -13.89
CA ILE G 57 -14.22 7.89 -12.49
C ILE G 57 -15.37 7.21 -11.76
N ALA G 58 -16.60 7.64 -12.03
CA ALA G 58 -17.75 7.04 -11.36
C ALA G 58 -17.96 5.59 -11.77
N GLU G 59 -17.70 5.30 -13.05
CA GLU G 59 -17.72 3.92 -13.58
C GLU G 59 -16.70 3.04 -12.83
N LYS G 60 -15.45 3.48 -12.81
CA LYS G 60 -14.36 2.70 -12.29
C LYS G 60 -14.57 2.45 -10.80
N LEU G 61 -15.28 3.37 -10.17
CA LEU G 61 -15.49 3.38 -8.72
C LEU G 61 -16.87 2.86 -8.32
N LYS G 62 -17.72 2.63 -9.31
CA LYS G 62 -19.06 2.11 -9.08
C LYS G 62 -19.71 2.88 -7.94
N ILE G 63 -19.54 4.20 -7.99
CA ILE G 63 -20.31 5.13 -7.20
C ILE G 63 -20.98 6.11 -8.16
N SER G 64 -21.69 7.11 -7.65
CA SER G 64 -22.50 7.95 -8.52
C SER G 64 -21.75 9.21 -8.92
N PRO G 65 -22.15 9.81 -10.05
CA PRO G 65 -21.57 11.12 -10.36
C PRO G 65 -21.63 12.09 -9.17
N ALA G 66 -22.80 12.32 -8.59
CA ALA G 66 -22.88 13.22 -7.42
C ALA G 66 -21.81 12.90 -6.36
N ALA G 67 -21.66 11.62 -6.03
CA ALA G 67 -20.59 11.18 -5.15
C ALA G 67 -19.24 11.71 -5.63
N VAL G 68 -18.94 11.48 -6.90
CA VAL G 68 -17.64 11.82 -7.49
C VAL G 68 -17.42 13.32 -7.53
N THR G 69 -18.46 14.06 -7.88
CA THR G 69 -18.41 15.51 -7.89
C THR G 69 -17.96 16.00 -6.53
N LYS G 70 -18.59 15.47 -5.49
CA LYS G 70 -18.30 15.92 -4.15
C LYS G 70 -16.83 15.67 -3.85
N ALA G 71 -16.33 14.53 -4.32
CA ALA G 71 -14.97 14.12 -3.99
C ALA G 71 -13.93 14.95 -4.72
N LEU G 72 -14.31 15.49 -5.87
CA LEU G 72 -13.37 16.26 -6.68
C LEU G 72 -13.39 17.69 -6.19
N LYS G 73 -14.58 18.28 -6.12
CA LYS G 73 -14.75 19.55 -5.44
C LYS G 73 -13.82 19.63 -4.20
N LYS G 74 -13.76 18.55 -3.42
CA LYS G 74 -12.84 18.45 -2.27
C LYS G 74 -11.36 18.37 -2.67
N LEU G 75 -11.01 17.39 -3.49
CA LEU G 75 -9.65 17.28 -3.96
C LEU G 75 -9.14 18.60 -4.53
N GLN G 76 -10.07 19.38 -5.09
CA GLN G 76 -9.71 20.67 -5.65
C GLN G 76 -9.30 21.63 -4.52
N GLU G 77 -10.21 21.90 -3.58
CA GLU G 77 -9.91 22.78 -2.46
C GLU G 77 -8.60 22.48 -1.74
N GLN G 78 -8.12 21.25 -1.83
CA GLN G 78 -6.85 20.93 -1.21
C GLN G 78 -5.73 20.88 -2.21
N GLU G 79 -6.02 21.44 -3.39
CA GLU G 79 -5.04 21.72 -4.43
C GLU G 79 -4.25 20.50 -4.84
N LEU G 80 -4.98 19.44 -5.15
CA LEU G 80 -4.38 18.18 -5.55
C LEU G 80 -4.68 17.85 -7.01
N ILE G 81 -5.86 18.26 -7.48
CA ILE G 81 -6.19 18.12 -8.88
C ILE G 81 -6.72 19.42 -9.42
N LYS G 82 -6.62 19.61 -10.73
CA LYS G 82 -7.13 20.80 -11.38
C LYS G 82 -8.00 20.38 -12.56
N SER G 83 -9.08 21.11 -12.78
CA SER G 83 -9.98 20.78 -13.87
C SER G 83 -9.34 21.31 -15.14
N SER G 84 -9.98 21.08 -16.27
CA SER G 84 -9.44 21.53 -17.53
C SER G 84 -10.21 22.79 -17.88
N ARG G 85 -11.34 22.97 -17.21
CA ARG G 85 -12.27 24.04 -17.53
C ARG G 85 -11.62 25.40 -17.49
N ALA G 86 -10.46 25.51 -16.85
CA ALA G 86 -9.85 26.80 -16.62
C ALA G 86 -8.69 27.13 -17.55
N THR G 87 -8.34 26.20 -18.44
CA THR G 87 -7.21 26.45 -19.30
C THR G 87 -7.48 26.01 -20.72
N ASN G 88 -8.72 25.65 -21.01
CA ASN G 88 -9.00 24.97 -22.27
C ASN G 88 -10.44 25.08 -22.77
N ASP G 89 -10.62 25.42 -24.05
CA ASP G 89 -11.98 25.63 -24.53
C ASP G 89 -12.66 24.32 -24.90
N GLU G 90 -11.93 23.22 -24.74
CA GLU G 90 -12.45 21.89 -25.07
C GLU G 90 -13.71 21.59 -24.27
N ARG G 91 -14.72 21.01 -24.95
CA ARG G 91 -16.02 20.70 -24.33
C ARG G 91 -15.91 19.69 -23.17
N VAL G 92 -15.00 18.73 -23.31
CA VAL G 92 -14.81 17.73 -22.29
C VAL G 92 -14.24 18.39 -21.05
N VAL G 93 -14.45 17.79 -19.88
CA VAL G 93 -13.91 18.34 -18.65
C VAL G 93 -12.98 17.31 -18.09
N LEU G 94 -11.71 17.66 -17.94
CA LEU G 94 -10.72 16.63 -17.64
C LEU G 94 -9.89 16.91 -16.40
N TRP G 95 -9.85 15.95 -15.49
CA TRP G 95 -9.12 16.12 -14.26
C TRP G 95 -7.73 15.49 -14.27
N SER G 96 -6.73 16.31 -14.04
CA SER G 96 -5.35 15.84 -13.90
C SER G 96 -4.90 16.16 -12.50
N LEU G 97 -3.79 15.58 -12.06
CA LEU G 97 -3.29 15.92 -10.73
C LEU G 97 -2.43 17.19 -10.79
N THR G 98 -2.14 17.77 -9.63
CA THR G 98 -1.09 18.77 -9.50
C THR G 98 0.12 18.02 -8.93
N GLU G 99 1.30 18.61 -9.01
CA GLU G 99 2.49 17.92 -8.51
C GLU G 99 2.43 17.56 -7.03
N LYS G 100 1.48 18.15 -6.31
CA LYS G 100 1.31 17.87 -4.89
C LYS G 100 0.63 16.53 -4.69
N ALA G 101 -0.03 16.06 -5.74
CA ALA G 101 -0.82 14.84 -5.68
C ALA G 101 -0.01 13.58 -5.99
N VAL G 102 1.00 13.72 -6.83
CA VAL G 102 1.74 12.54 -7.27
C VAL G 102 2.26 11.67 -6.13
N PRO G 103 2.75 12.27 -5.03
CA PRO G 103 3.22 11.39 -3.97
C PRO G 103 2.07 10.65 -3.29
N VAL G 104 0.95 11.34 -3.07
CA VAL G 104 -0.23 10.76 -2.45
C VAL G 104 -0.73 9.54 -3.20
N ALA G 105 -0.74 9.65 -4.53
CA ALA G 105 -1.26 8.56 -5.37
C ALA G 105 -0.29 7.38 -5.50
N LYS G 106 1.01 7.67 -5.54
CA LYS G 106 1.99 6.60 -5.55
C LYS G 106 1.86 5.86 -4.22
N GLU G 107 1.59 6.60 -3.15
CA GLU G 107 1.36 6.01 -1.84
C GLU G 107 0.16 5.10 -1.88
N HIS G 108 -1.00 5.67 -2.16
CA HIS G 108 -2.20 4.85 -2.20
C HIS G 108 -2.00 3.67 -3.15
N ALA G 109 -1.17 3.84 -4.16
CA ALA G 109 -0.84 2.73 -5.03
C ALA G 109 -0.22 1.62 -4.18
N THR G 110 0.91 1.92 -3.56
CA THR G 110 1.62 0.93 -2.77
C THR G 110 0.75 0.28 -1.70
N HIS G 111 0.15 1.09 -0.85
CA HIS G 111 -0.88 0.61 0.06
C HIS G 111 -1.65 -0.56 -0.56
N HIS G 112 -2.24 -0.34 -1.75
CA HIS G 112 -3.00 -1.37 -2.45
C HIS G 112 -2.15 -2.58 -2.80
N GLU G 113 -0.86 -2.32 -3.00
CA GLU G 113 0.09 -3.34 -3.39
C GLU G 113 0.65 -4.07 -2.17
N LYS G 114 0.73 -3.36 -1.05
CA LYS G 114 1.20 -3.93 0.20
C LYS G 114 0.11 -4.79 0.84
N THR G 115 -1.14 -4.42 0.65
CA THR G 115 -2.25 -5.28 1.05
C THR G 115 -2.22 -6.55 0.21
N LEU G 116 -2.10 -6.38 -1.10
CA LEU G 116 -2.20 -7.51 -2.01
C LEU G 116 -1.14 -8.57 -1.73
N SER G 117 -0.01 -8.15 -1.19
CA SER G 117 1.04 -9.09 -0.86
C SER G 117 0.71 -9.80 0.46
N THR G 118 0.22 -9.05 1.46
CA THR G 118 -0.29 -9.67 2.67
C THR G 118 -1.26 -10.83 2.37
N TYR G 119 -2.17 -10.64 1.42
CA TYR G 119 -3.02 -11.74 0.95
C TYR G 119 -2.20 -12.86 0.36
N GLN G 120 -1.27 -12.54 -0.53
CA GLN G 120 -0.43 -13.56 -1.15
C GLN G 120 0.35 -14.38 -0.08
N GLU G 121 0.85 -13.71 0.96
CA GLU G 121 1.49 -14.41 2.07
C GLU G 121 0.47 -15.34 2.72
N LEU G 122 -0.65 -14.77 3.17
CA LEU G 122 -1.76 -15.56 3.67
C LEU G 122 -1.95 -16.83 2.86
N GLY G 123 -2.01 -16.68 1.53
CA GLY G 123 -2.29 -17.78 0.63
C GLY G 123 -1.12 -18.72 0.50
N ASN G 124 0.07 -18.20 0.73
CA ASN G 124 1.27 -19.02 0.59
C ASN G 124 1.35 -20.09 1.64
N LYS G 125 0.66 -19.86 2.75
CA LYS G 125 0.62 -20.80 3.85
C LYS G 125 -0.23 -22.04 3.52
N PHE G 126 -0.78 -22.07 2.32
CA PHE G 126 -1.57 -23.19 1.86
C PHE G 126 -0.91 -23.87 0.68
N THR G 127 -0.98 -25.21 0.66
CA THR G 127 -0.43 -25.98 -0.43
C THR G 127 -1.13 -25.64 -1.74
N ASP G 128 -0.43 -25.87 -2.85
CA ASP G 128 -0.95 -25.58 -4.18
C ASP G 128 -2.31 -26.23 -4.46
N GLU G 129 -2.57 -27.39 -3.87
CA GLU G 129 -3.82 -28.10 -4.13
C GLU G 129 -4.95 -27.49 -3.34
N GLU G 130 -4.62 -26.96 -2.16
CA GLU G 130 -5.57 -26.27 -1.30
C GLU G 130 -6.02 -24.90 -1.86
N GLN G 131 -5.07 -24.14 -2.40
CA GLN G 131 -5.38 -22.88 -3.07
C GLN G 131 -6.33 -23.15 -4.22
N GLU G 132 -6.11 -24.28 -4.90
CA GLU G 132 -7.02 -24.80 -5.91
C GLU G 132 -8.45 -24.85 -5.38
N VAL G 133 -8.58 -25.14 -4.09
CA VAL G 133 -9.88 -25.27 -3.45
C VAL G 133 -10.47 -23.93 -3.03
N ILE G 134 -9.72 -23.19 -2.22
CA ILE G 134 -10.17 -21.88 -1.76
C ILE G 134 -10.65 -21.09 -2.94
N SER G 135 -9.89 -21.14 -4.02
CA SER G 135 -10.26 -20.43 -5.24
C SER G 135 -11.67 -20.81 -5.69
N LYS G 136 -11.97 -22.11 -5.64
CA LYS G 136 -13.29 -22.57 -6.06
C LYS G 136 -14.36 -22.14 -5.07
N PHE G 137 -13.94 -21.95 -3.82
CA PHE G 137 -14.84 -21.49 -2.76
C PHE G 137 -15.28 -20.04 -2.95
N LEU G 138 -14.30 -19.14 -3.01
CA LEU G 138 -14.56 -17.73 -3.27
C LEU G 138 -15.44 -17.60 -4.52
N SER G 139 -15.02 -18.27 -5.59
CA SER G 139 -15.80 -18.34 -6.82
C SER G 139 -17.27 -18.59 -6.53
N ALA G 140 -17.56 -19.67 -5.81
CA ALA G 140 -18.93 -20.05 -5.51
C ALA G 140 -19.64 -18.97 -4.70
N LEU G 141 -18.89 -18.34 -3.79
CA LEU G 141 -19.47 -17.35 -2.86
C LEU G 141 -19.83 -16.03 -3.54
N THR G 142 -18.96 -15.55 -4.43
CA THR G 142 -19.24 -14.31 -5.13
C THR G 142 -20.52 -14.43 -5.92
N GLU G 143 -20.85 -15.65 -6.32
CA GLU G 143 -21.99 -15.86 -7.19
C GLU G 143 -23.25 -15.59 -6.40
N GLU G 144 -23.10 -15.54 -5.09
CA GLU G 144 -24.25 -15.35 -4.22
C GLU G 144 -24.65 -13.88 -4.06
N PHE G 145 -23.69 -12.98 -4.29
CA PHE G 145 -23.98 -11.55 -4.15
C PHE G 145 -24.22 -10.83 -5.47
N GLN G 146 -24.97 -11.46 -6.37
CA GLN G 146 -25.30 -10.86 -7.65
C GLN G 146 -26.81 -10.81 -7.89
N MET H 2 -5.64 -16.10 -12.76
CA MET H 2 -5.72 -15.00 -11.79
C MET H 2 -5.15 -15.36 -10.42
N SER H 3 -4.24 -14.53 -9.92
CA SER H 3 -3.58 -14.74 -8.62
C SER H 3 -4.55 -15.13 -7.51
N LEU H 4 -4.05 -15.81 -6.48
CA LEU H 4 -4.89 -16.11 -5.33
C LEU H 4 -5.14 -14.83 -4.53
N ALA H 5 -4.09 -14.04 -4.34
CA ALA H 5 -4.25 -12.76 -3.66
C ALA H 5 -5.28 -11.92 -4.38
N ASN H 6 -5.11 -11.76 -5.69
CA ASN H 6 -6.00 -10.94 -6.52
C ASN H 6 -7.46 -11.32 -6.32
N GLN H 7 -7.70 -12.62 -6.32
CA GLN H 7 -9.06 -13.12 -6.29
C GLN H 7 -9.76 -12.84 -4.97
N ILE H 8 -9.03 -13.06 -3.89
CA ILE H 8 -9.45 -12.66 -2.57
C ILE H 8 -9.88 -11.19 -2.59
N ASP H 9 -9.00 -10.34 -3.12
CA ASP H 9 -9.23 -8.90 -3.13
C ASP H 9 -10.51 -8.55 -3.88
N GLN H 10 -10.70 -9.10 -5.07
CA GLN H 10 -11.88 -8.78 -5.85
C GLN H 10 -13.14 -9.18 -5.10
N PHE H 11 -13.10 -10.32 -4.41
CA PHE H 11 -14.23 -10.80 -3.61
C PHE H 11 -14.58 -9.77 -2.54
N LEU H 12 -13.60 -9.42 -1.73
CA LEU H 12 -13.77 -8.36 -0.76
C LEU H 12 -14.46 -7.16 -1.39
N GLY H 13 -14.09 -6.83 -2.62
CA GLY H 13 -14.68 -5.71 -3.32
C GLY H 13 -16.10 -6.00 -3.74
N THR H 14 -16.38 -7.27 -4.02
CA THR H 14 -17.71 -7.67 -4.48
C THR H 14 -18.74 -7.50 -3.39
N ILE H 15 -18.39 -7.95 -2.20
CA ILE H 15 -19.29 -7.86 -1.06
C ILE H 15 -19.37 -6.41 -0.59
N MET H 16 -18.26 -5.70 -0.72
CA MET H 16 -18.17 -4.29 -0.38
C MET H 16 -19.18 -3.49 -1.17
N GLN H 17 -19.36 -3.88 -2.43
CA GLN H 17 -20.22 -3.15 -3.36
C GLN H 17 -21.66 -3.60 -3.14
N PHE H 18 -21.82 -4.85 -2.73
CA PHE H 18 -23.14 -5.41 -2.49
C PHE H 18 -23.78 -4.82 -1.25
N ALA H 19 -22.93 -4.40 -0.32
CA ALA H 19 -23.38 -3.97 1.00
C ALA H 19 -23.94 -2.55 0.97
N GLU H 20 -23.57 -1.81 -0.07
CA GLU H 20 -24.15 -0.49 -0.34
C GLU H 20 -24.00 0.44 0.85
N ASN H 21 -25.12 0.83 1.42
CA ASN H 21 -25.11 1.66 2.61
C ASN H 21 -25.66 0.93 3.83
N LYS H 22 -25.88 -0.37 3.71
CA LYS H 22 -26.34 -1.19 4.83
C LYS H 22 -25.17 -1.53 5.74
N HIS H 23 -25.47 -2.05 6.92
CA HIS H 23 -24.39 -2.46 7.79
C HIS H 23 -24.31 -3.97 7.95
N GLU H 24 -25.20 -4.70 7.29
CA GLU H 24 -25.10 -6.15 7.33
C GLU H 24 -25.50 -6.78 6.00
N ILE H 25 -24.93 -7.96 5.74
CA ILE H 25 -25.16 -8.71 4.53
C ILE H 25 -26.28 -9.72 4.73
N LEU H 26 -27.37 -9.52 4.01
CA LEU H 26 -28.46 -10.48 3.98
C LEU H 26 -28.91 -10.72 2.56
N LEU H 27 -29.01 -11.98 2.17
CA LEU H 27 -29.36 -12.36 0.81
C LEU H 27 -30.85 -12.27 0.54
N GLY H 28 -31.20 -11.54 -0.52
CA GLY H 28 -32.58 -11.32 -0.91
C GLY H 28 -33.13 -10.06 -0.29
N LYS H 29 -34.26 -9.59 -0.78
CA LYS H 29 -34.87 -8.39 -0.22
C LYS H 29 -35.86 -8.78 0.88
N SER H 30 -35.99 -7.93 1.89
CA SER H 30 -36.91 -8.21 2.99
C SER H 30 -38.34 -8.25 2.50
N GLU H 31 -39.09 -9.22 3.01
CA GLU H 31 -40.46 -9.41 2.58
C GLU H 31 -41.45 -8.85 3.59
N SER H 32 -40.91 -8.09 4.55
CA SER H 32 -41.73 -7.45 5.58
C SER H 32 -42.56 -6.33 4.97
N ASP H 33 -43.69 -6.03 5.60
CA ASP H 33 -44.63 -5.03 5.06
C ASP H 33 -44.19 -3.60 5.35
N VAL H 34 -43.61 -3.38 6.53
CA VAL H 34 -43.10 -2.07 6.90
C VAL H 34 -41.69 -1.86 6.36
N LYS H 35 -41.49 -0.76 5.62
CA LYS H 35 -40.18 -0.44 5.09
C LYS H 35 -39.38 0.25 6.19
N LEU H 36 -38.22 -0.30 6.49
CA LEU H 36 -37.35 0.28 7.49
C LEU H 36 -35.95 -0.13 7.10
N THR H 37 -34.97 0.54 7.68
CA THR H 37 -33.58 0.18 7.43
C THR H 37 -33.27 -1.25 7.89
N SER H 38 -32.23 -1.84 7.32
CA SER H 38 -31.80 -3.15 7.76
C SER H 38 -31.59 -3.13 9.27
N THR H 39 -30.81 -2.17 9.72
CA THR H 39 -30.58 -1.98 11.15
C THR H 39 -31.87 -1.90 11.96
N GLN H 40 -32.82 -1.07 11.52
CA GLN H 40 -34.05 -0.88 12.24
C GLN H 40 -34.87 -2.16 12.41
N GLU H 41 -34.76 -3.09 11.48
CA GLU H 41 -35.43 -4.39 11.60
C GLU H 41 -34.64 -5.32 12.52
N HIS H 42 -33.33 -5.25 12.41
CA HIS H 42 -32.48 -6.07 13.24
C HIS H 42 -32.68 -5.69 14.69
N ILE H 43 -33.12 -4.46 14.90
CA ILE H 43 -33.37 -3.97 16.24
C ILE H 43 -34.68 -4.54 16.76
N LEU H 44 -35.66 -4.64 15.88
CA LEU H 44 -36.91 -5.29 16.25
C LEU H 44 -36.67 -6.80 16.50
N MET H 45 -35.62 -7.35 15.88
CA MET H 45 -35.28 -8.73 16.14
C MET H 45 -34.69 -8.89 17.53
N LEU H 46 -33.81 -7.97 17.92
CA LEU H 46 -33.22 -8.04 19.26
C LEU H 46 -34.32 -7.92 20.29
N LEU H 47 -35.12 -6.86 20.20
CA LEU H 47 -36.16 -6.58 21.18
C LEU H 47 -37.21 -7.69 21.28
N ALA H 48 -37.41 -8.44 20.21
CA ALA H 48 -38.30 -9.60 20.28
C ALA H 48 -37.73 -10.62 21.25
N GLU H 49 -36.41 -10.65 21.33
CA GLU H 49 -35.69 -11.66 22.10
C GLU H 49 -35.62 -11.28 23.56
N GLN H 50 -35.19 -10.04 23.81
CA GLN H 50 -35.11 -9.49 25.14
C GLN H 50 -35.30 -7.96 25.16
N ILE H 51 -36.04 -7.46 26.14
CA ILE H 51 -36.15 -6.02 26.28
C ILE H 51 -34.85 -5.45 26.83
N SER H 52 -34.53 -4.25 26.35
CA SER H 52 -33.15 -3.79 26.29
C SER H 52 -33.05 -2.27 26.36
N THR H 53 -31.84 -1.80 26.59
CA THR H 53 -31.57 -0.38 26.65
C THR H 53 -30.73 0.10 25.47
N ASN H 54 -30.78 1.41 25.21
CA ASN H 54 -29.95 2.00 24.18
C ASN H 54 -28.54 1.43 24.19
N ALA H 55 -27.88 1.44 25.33
CA ALA H 55 -26.48 1.04 25.37
C ALA H 55 -26.28 -0.38 24.92
N LYS H 56 -27.21 -1.26 25.26
CA LYS H 56 -27.07 -2.67 24.87
C LYS H 56 -27.28 -2.86 23.37
N ILE H 57 -28.45 -2.47 22.87
CA ILE H 57 -28.71 -2.49 21.44
C ILE H 57 -27.53 -2.01 20.60
N ALA H 58 -26.87 -0.96 21.07
CA ALA H 58 -25.70 -0.46 20.39
C ALA H 58 -24.47 -1.35 20.49
N GLU H 59 -24.34 -2.10 21.56
CA GLU H 59 -23.15 -2.93 21.71
C GLU H 59 -23.33 -4.24 20.96
N LYS H 60 -24.57 -4.50 20.57
CA LYS H 60 -24.91 -5.69 19.81
C LYS H 60 -24.80 -5.37 18.34
N LEU H 61 -25.25 -4.17 18.00
CA LEU H 61 -25.22 -3.73 16.61
C LEU H 61 -23.86 -3.17 16.28
N LYS H 62 -23.00 -3.09 17.30
CA LYS H 62 -21.72 -2.44 17.14
C LYS H 62 -21.88 -1.17 16.32
N ILE H 63 -22.83 -0.34 16.73
CA ILE H 63 -22.90 1.04 16.24
C ILE H 63 -23.00 1.98 17.43
N SER H 64 -23.04 3.27 17.18
CA SER H 64 -23.02 4.24 18.27
C SER H 64 -24.41 4.44 18.84
N PRO H 65 -24.49 4.87 20.10
CA PRO H 65 -25.79 5.08 20.73
C PRO H 65 -26.59 6.14 20.00
N ALA H 66 -25.96 7.22 19.57
CA ALA H 66 -26.62 8.18 18.71
C ALA H 66 -27.31 7.49 17.53
N ALA H 67 -26.64 6.52 16.92
CA ALA H 67 -27.28 5.76 15.84
C ALA H 67 -28.54 5.11 16.36
N VAL H 68 -28.39 4.42 17.47
CA VAL H 68 -29.49 3.68 18.08
C VAL H 68 -30.65 4.61 18.43
N THR H 69 -30.34 5.81 18.90
CA THR H 69 -31.39 6.75 19.24
C THR H 69 -32.23 7.06 18.02
N LYS H 70 -31.55 7.39 16.93
CA LYS H 70 -32.26 7.78 15.71
C LYS H 70 -33.14 6.65 15.27
N ALA H 71 -32.57 5.46 15.19
CA ALA H 71 -33.32 4.27 14.83
C ALA H 71 -34.54 4.12 15.71
N LEU H 72 -34.31 4.26 17.02
CA LEU H 72 -35.38 4.06 17.98
C LEU H 72 -36.44 5.14 17.84
N LYS H 73 -35.99 6.36 17.52
CA LYS H 73 -36.94 7.43 17.20
C LYS H 73 -37.79 7.10 15.97
N LYS H 74 -37.19 6.57 14.91
CA LYS H 74 -37.98 6.14 13.75
C LYS H 74 -38.99 5.09 14.18
N LEU H 75 -38.48 4.06 14.85
CA LEU H 75 -39.29 2.92 15.26
C LEU H 75 -40.49 3.30 16.10
N GLN H 76 -40.29 4.22 17.03
CA GLN H 76 -41.35 4.68 17.92
C GLN H 76 -42.42 5.47 17.17
N GLU H 77 -42.00 6.25 16.16
CA GLU H 77 -42.94 7.00 15.32
C GLU H 77 -43.79 6.10 14.42
N GLN H 78 -43.17 5.05 13.89
CA GLN H 78 -43.90 4.05 13.14
C GLN H 78 -44.66 3.11 14.10
N GLU H 79 -44.58 3.44 15.40
CA GLU H 79 -45.33 2.73 16.44
C GLU H 79 -45.06 1.23 16.46
N LEU H 80 -43.79 0.89 16.42
CA LEU H 80 -43.34 -0.49 16.40
C LEU H 80 -42.73 -0.87 17.72
N ILE H 81 -42.29 0.12 18.50
CA ILE H 81 -41.76 -0.18 19.81
C ILE H 81 -42.38 0.75 20.83
N LYS H 82 -41.91 0.65 22.08
CA LYS H 82 -42.51 1.37 23.21
C LYS H 82 -41.63 1.34 24.45
N SER H 83 -41.61 2.47 25.17
CA SER H 83 -40.72 2.64 26.32
C SER H 83 -41.38 2.38 27.67
N SER H 84 -40.53 2.26 28.68
CA SER H 84 -41.00 1.88 29.99
C SER H 84 -39.79 1.94 30.88
N ARG H 85 -39.99 1.75 32.17
CA ARG H 85 -38.88 1.96 33.09
C ARG H 85 -38.45 0.69 33.78
N ALA H 86 -37.14 0.54 33.93
CA ALA H 86 -36.59 -0.53 34.73
C ALA H 86 -37.19 -0.44 36.12
N THR H 87 -37.53 -1.59 36.70
CA THR H 87 -38.13 -1.63 38.03
C THR H 87 -37.15 -1.25 39.16
N ASN H 88 -35.87 -1.57 38.98
CA ASN H 88 -34.84 -1.29 39.97
C ASN H 88 -33.98 -0.05 39.71
N ASP H 89 -34.46 0.87 38.87
CA ASP H 89 -33.82 2.17 38.63
C ASP H 89 -34.73 2.93 37.67
N GLU H 90 -35.60 3.78 38.19
CA GLU H 90 -36.63 4.38 37.35
C GLU H 90 -36.03 5.28 36.30
N ARG H 91 -34.80 5.73 36.52
CA ARG H 91 -34.12 6.57 35.54
C ARG H 91 -33.93 5.88 34.19
N VAL H 92 -33.85 4.55 34.23
CA VAL H 92 -33.45 3.72 33.09
C VAL H 92 -34.58 3.36 32.10
N VAL H 93 -34.43 3.76 30.83
CA VAL H 93 -35.45 3.49 29.80
C VAL H 93 -35.26 2.15 29.06
N LEU H 94 -36.34 1.39 29.00
CA LEU H 94 -36.33 0.08 28.40
C LEU H 94 -37.30 0.07 27.24
N TRP H 95 -36.84 -0.49 26.11
CA TRP H 95 -37.59 -0.57 24.87
C TRP H 95 -38.00 -2.01 24.62
N SER H 96 -39.23 -2.22 24.19
CA SER H 96 -39.73 -3.56 23.97
C SER H 96 -40.76 -3.52 22.86
N LEU H 97 -40.95 -4.62 22.13
CA LEU H 97 -41.81 -4.55 20.93
C LEU H 97 -43.27 -4.29 21.24
N THR H 98 -43.94 -3.66 20.30
CA THR H 98 -45.38 -3.56 20.33
C THR H 98 -45.91 -4.73 19.54
N GLU H 99 -47.23 -4.83 19.50
CA GLU H 99 -47.89 -5.92 18.79
C GLU H 99 -47.59 -5.80 17.30
N LYS H 100 -47.67 -4.55 16.83
CA LYS H 100 -47.50 -4.25 15.41
C LYS H 100 -46.21 -4.86 14.87
N ALA H 101 -45.23 -4.99 15.74
CA ALA H 101 -43.87 -5.28 15.32
C ALA H 101 -43.46 -6.73 15.35
N VAL H 102 -44.33 -7.62 15.84
CA VAL H 102 -43.89 -9.01 16.03
C VAL H 102 -43.73 -9.79 14.74
N PRO H 103 -44.67 -9.63 13.79
CA PRO H 103 -44.47 -10.25 12.48
C PRO H 103 -43.15 -9.83 11.84
N VAL H 104 -42.91 -8.53 11.86
CA VAL H 104 -41.69 -7.94 11.31
C VAL H 104 -40.44 -8.61 11.86
N ALA H 105 -40.24 -8.51 13.18
CA ALA H 105 -39.08 -9.13 13.81
C ALA H 105 -38.93 -10.57 13.36
N LYS H 106 -40.04 -11.26 13.28
CA LYS H 106 -39.97 -12.65 12.94
C LYS H 106 -39.49 -12.73 11.50
N GLU H 107 -40.01 -11.84 10.67
CA GLU H 107 -39.57 -11.79 9.28
C GLU H 107 -38.05 -11.62 9.19
N HIS H 108 -37.52 -10.53 9.76
CA HIS H 108 -36.08 -10.26 9.74
C HIS H 108 -35.22 -11.36 10.37
N ALA H 109 -35.83 -12.19 11.23
CA ALA H 109 -35.10 -13.33 11.81
C ALA H 109 -35.06 -14.51 10.84
N THR H 110 -36.12 -14.65 10.06
CA THR H 110 -36.22 -15.70 9.06
C THR H 110 -35.31 -15.36 7.87
N HIS H 111 -35.29 -14.08 7.52
CA HIS H 111 -34.38 -13.60 6.49
C HIS H 111 -32.93 -13.87 6.88
N HIS H 112 -32.60 -13.67 8.14
CA HIS H 112 -31.26 -13.95 8.63
C HIS H 112 -30.92 -15.43 8.49
N GLU H 113 -31.96 -16.26 8.44
CA GLU H 113 -31.79 -17.70 8.51
C GLU H 113 -31.71 -18.29 7.10
N LYS H 114 -32.54 -17.78 6.20
CA LYS H 114 -32.49 -18.21 4.82
C LYS H 114 -31.13 -17.89 4.21
N THR H 115 -30.59 -16.73 4.58
CA THR H 115 -29.23 -16.40 4.19
C THR H 115 -28.26 -17.42 4.77
N LEU H 116 -28.48 -17.83 6.00
CA LEU H 116 -27.56 -18.73 6.65
C LEU H 116 -27.52 -20.08 5.98
N SER H 117 -28.69 -20.54 5.53
CA SER H 117 -28.84 -21.82 4.86
C SER H 117 -28.22 -21.81 3.47
N THR H 118 -28.33 -20.68 2.80
CA THR H 118 -27.70 -20.53 1.50
C THR H 118 -26.20 -20.81 1.59
N TYR H 119 -25.55 -20.32 2.65
CA TYR H 119 -24.15 -20.62 2.83
C TYR H 119 -24.04 -22.09 3.19
N GLN H 120 -25.03 -22.59 3.93
CA GLN H 120 -25.12 -24.02 4.27
C GLN H 120 -25.02 -24.90 3.02
N GLU H 121 -26.02 -24.80 2.15
CA GLU H 121 -26.04 -25.54 0.92
C GLU H 121 -24.71 -25.37 0.17
N LEU H 122 -24.14 -24.16 0.25
CA LEU H 122 -22.89 -23.84 -0.43
C LEU H 122 -21.72 -24.71 0.04
N GLY H 123 -21.51 -24.76 1.35
CA GLY H 123 -20.36 -25.43 1.92
C GLY H 123 -20.39 -26.94 1.80
N ASN H 124 -21.59 -27.49 1.69
CA ASN H 124 -21.73 -28.93 1.58
C ASN H 124 -21.32 -29.43 0.21
N LYS H 125 -21.35 -28.53 -0.76
CA LYS H 125 -20.89 -28.85 -2.11
C LYS H 125 -19.37 -29.07 -2.08
N PHE H 126 -18.82 -29.15 -0.87
CA PHE H 126 -17.41 -29.44 -0.67
C PHE H 126 -17.23 -30.70 0.17
N THR H 127 -16.14 -31.43 -0.09
CA THR H 127 -15.81 -32.56 0.75
C THR H 127 -15.59 -32.06 2.18
N ASP H 128 -15.85 -32.92 3.16
CA ASP H 128 -15.62 -32.58 4.55
C ASP H 128 -14.13 -32.31 4.80
N GLU H 129 -13.30 -32.84 3.90
CA GLU H 129 -11.86 -32.66 4.00
C GLU H 129 -11.47 -31.26 3.53
N GLU H 130 -11.99 -30.90 2.36
CA GLU H 130 -11.89 -29.55 1.81
C GLU H 130 -12.58 -28.55 2.73
N GLN H 131 -13.81 -28.88 3.09
CA GLN H 131 -14.60 -28.07 4.03
C GLN H 131 -13.76 -27.61 5.21
N GLU H 132 -12.64 -28.29 5.47
CA GLU H 132 -11.76 -27.88 6.57
C GLU H 132 -10.78 -26.83 6.09
N VAL H 133 -10.37 -26.96 4.83
CA VAL H 133 -9.46 -26.02 4.17
C VAL H 133 -9.98 -24.60 4.25
N ILE H 134 -11.27 -24.44 3.93
CA ILE H 134 -11.97 -23.16 4.01
C ILE H 134 -12.11 -22.61 5.44
N SER H 135 -12.38 -23.49 6.39
CA SER H 135 -12.50 -23.07 7.78
C SER H 135 -11.20 -22.51 8.30
N LYS H 136 -10.10 -22.99 7.73
CA LYS H 136 -8.75 -22.62 8.15
C LYS H 136 -8.30 -21.37 7.42
N PHE H 137 -8.93 -21.14 6.27
CA PHE H 137 -8.71 -19.97 5.41
C PHE H 137 -9.42 -18.76 6.01
N LEU H 138 -10.74 -18.88 6.16
CA LEU H 138 -11.53 -17.83 6.79
C LEU H 138 -10.90 -17.45 8.11
N SER H 139 -10.39 -18.44 8.83
CA SER H 139 -9.70 -18.18 10.08
C SER H 139 -8.51 -17.26 9.83
N ALA H 140 -7.63 -17.67 8.92
CA ALA H 140 -6.39 -16.92 8.68
C ALA H 140 -6.66 -15.51 8.14
N LEU H 141 -7.76 -15.37 7.41
CA LEU H 141 -8.15 -14.09 6.84
C LEU H 141 -8.69 -13.18 7.93
N THR H 142 -9.61 -13.70 8.73
CA THR H 142 -10.16 -12.95 9.86
C THR H 142 -9.04 -12.33 10.70
N GLU H 143 -7.92 -13.02 10.83
CA GLU H 143 -6.83 -12.53 11.65
C GLU H 143 -6.23 -11.29 11.03
N GLU H 144 -6.28 -11.24 9.70
CA GLU H 144 -5.70 -10.14 8.94
C GLU H 144 -6.41 -8.82 9.22
N PHE H 145 -7.69 -8.92 9.56
CA PHE H 145 -8.48 -7.74 9.87
C PHE H 145 -8.55 -7.49 11.37
N GLN H 146 -7.52 -7.93 12.07
CA GLN H 146 -7.48 -7.84 13.52
C GLN H 146 -6.05 -7.72 14.05
N SER J 3 -24.10 -36.69 -23.73
CA SER J 3 -24.08 -35.45 -24.50
C SER J 3 -25.12 -34.45 -23.99
N LEU J 4 -24.80 -33.83 -22.87
CA LEU J 4 -25.47 -32.61 -22.45
C LEU J 4 -24.58 -31.47 -22.93
N ALA J 5 -23.28 -31.63 -22.70
CA ALA J 5 -22.31 -30.63 -23.14
C ALA J 5 -22.35 -30.40 -24.65
N ASN J 6 -22.84 -31.38 -25.40
CA ASN J 6 -23.00 -31.23 -26.85
C ASN J 6 -24.25 -30.44 -27.21
N GLN J 7 -25.30 -30.55 -26.41
CA GLN J 7 -26.49 -29.73 -26.61
C GLN J 7 -26.17 -28.26 -26.37
N ILE J 8 -25.47 -28.02 -25.26
CA ILE J 8 -24.99 -26.69 -24.90
C ILE J 8 -24.21 -26.11 -26.07
N ASP J 9 -23.06 -26.71 -26.36
CA ASP J 9 -22.22 -26.26 -27.45
C ASP J 9 -22.99 -26.02 -28.75
N GLN J 10 -23.86 -26.95 -29.15
CA GLN J 10 -24.55 -26.79 -30.43
C GLN J 10 -25.71 -25.78 -30.33
N PHE J 11 -26.23 -25.59 -29.12
CA PHE J 11 -27.21 -24.55 -28.89
C PHE J 11 -26.59 -23.14 -28.96
N LEU J 12 -25.37 -22.98 -28.45
CA LEU J 12 -24.65 -21.73 -28.62
C LEU J 12 -24.19 -21.64 -30.06
N GLY J 13 -24.17 -22.78 -30.74
CA GLY J 13 -23.95 -22.82 -32.17
C GLY J 13 -25.19 -22.30 -32.86
N THR J 14 -26.36 -22.77 -32.41
CA THR J 14 -27.62 -22.34 -33.02
C THR J 14 -27.83 -20.86 -32.84
N ILE J 15 -27.31 -20.31 -31.75
CA ILE J 15 -27.48 -18.88 -31.48
C ILE J 15 -26.61 -18.02 -32.41
N MET J 16 -25.31 -18.28 -32.41
CA MET J 16 -24.38 -17.57 -33.29
C MET J 16 -24.91 -17.43 -34.70
N GLN J 17 -25.44 -18.53 -35.24
CA GLN J 17 -25.98 -18.54 -36.58
C GLN J 17 -27.21 -17.65 -36.66
N PHE J 18 -28.23 -17.94 -35.86
CA PHE J 18 -29.47 -17.16 -35.90
C PHE J 18 -29.23 -15.68 -35.66
N ALA J 19 -28.19 -15.38 -34.90
CA ALA J 19 -27.82 -14.00 -34.62
C ALA J 19 -27.37 -13.30 -35.88
N GLU J 20 -26.88 -14.09 -36.83
CA GLU J 20 -26.19 -13.54 -37.97
C GLU J 20 -25.16 -12.59 -37.37
N ASN J 21 -24.97 -11.43 -37.99
CA ASN J 21 -23.99 -10.49 -37.48
C ASN J 21 -24.63 -9.25 -36.89
N LYS J 22 -25.83 -9.41 -36.35
CA LYS J 22 -26.44 -8.34 -35.57
C LYS J 22 -26.13 -8.59 -34.10
N HIS J 23 -26.28 -7.57 -33.25
CA HIS J 23 -25.87 -7.75 -31.87
C HIS J 23 -27.06 -7.83 -30.92
N GLU J 24 -28.12 -8.47 -31.39
CA GLU J 24 -29.35 -8.57 -30.60
C GLU J 24 -30.21 -9.74 -31.05
N ILE J 25 -30.99 -10.29 -30.12
CA ILE J 25 -31.78 -11.48 -30.42
C ILE J 25 -33.26 -11.18 -30.32
N LEU J 26 -33.92 -11.06 -31.46
CA LEU J 26 -35.36 -10.91 -31.44
C LEU J 26 -36.02 -11.95 -32.33
N LEU J 27 -37.21 -12.37 -31.96
CA LEU J 27 -38.01 -13.22 -32.83
C LEU J 27 -38.98 -12.36 -33.62
N GLY J 28 -38.99 -12.54 -34.94
CA GLY J 28 -39.84 -11.74 -35.80
C GLY J 28 -39.02 -10.88 -36.74
N LYS J 29 -39.66 -10.43 -37.82
CA LYS J 29 -39.00 -9.61 -38.83
C LYS J 29 -39.11 -8.13 -38.49
N SER J 30 -38.29 -7.31 -39.16
CA SER J 30 -38.27 -5.86 -38.92
C SER J 30 -39.60 -5.22 -39.29
N GLU J 31 -40.53 -5.19 -38.33
CA GLU J 31 -41.87 -4.67 -38.57
C GLU J 31 -41.86 -3.18 -38.91
N SER J 32 -40.71 -2.56 -38.66
CA SER J 32 -40.54 -1.13 -38.88
C SER J 32 -40.24 -0.83 -40.34
N ASP J 33 -40.93 0.17 -40.89
CA ASP J 33 -40.71 0.57 -42.28
C ASP J 33 -39.26 0.91 -42.55
N VAL J 34 -38.65 1.67 -41.66
CA VAL J 34 -37.30 2.16 -41.90
C VAL J 34 -36.23 1.08 -41.70
N LYS J 35 -35.32 1.01 -42.66
CA LYS J 35 -34.22 0.04 -42.64
C LYS J 35 -33.06 0.61 -41.83
N LEU J 36 -32.99 0.17 -40.58
CA LEU J 36 -31.89 0.53 -39.68
C LEU J 36 -31.36 -0.74 -39.06
N THR J 37 -30.07 -0.75 -38.73
CA THR J 37 -29.50 -1.82 -37.93
C THR J 37 -30.36 -1.97 -36.68
N SER J 38 -30.33 -3.14 -36.06
CA SER J 38 -31.12 -3.34 -34.86
C SER J 38 -30.62 -2.38 -33.79
N THR J 39 -29.31 -2.30 -33.67
CA THR J 39 -28.67 -1.36 -32.80
C THR J 39 -29.21 0.06 -32.96
N GLN J 40 -29.38 0.49 -34.20
CA GLN J 40 -29.98 1.80 -34.45
C GLN J 40 -31.44 1.84 -33.97
N GLU J 41 -32.21 0.80 -34.29
CA GLU J 41 -33.61 0.75 -33.83
C GLU J 41 -33.61 0.87 -32.32
N HIS J 42 -32.73 0.13 -31.69
CA HIS J 42 -32.68 0.06 -30.24
C HIS J 42 -32.39 1.40 -29.61
N ILE J 43 -31.40 2.10 -30.15
CA ILE J 43 -31.07 3.42 -29.67
C ILE J 43 -32.31 4.28 -29.63
N LEU J 44 -33.10 4.22 -30.70
CA LEU J 44 -34.32 4.99 -30.75
C LEU J 44 -35.26 4.56 -29.64
N MET J 45 -35.19 3.30 -29.25
CA MET J 45 -36.01 2.86 -28.14
C MET J 45 -35.51 3.43 -26.81
N LEU J 46 -34.20 3.57 -26.68
CA LEU J 46 -33.65 4.11 -25.45
C LEU J 46 -33.99 5.58 -25.29
N LEU J 47 -33.92 6.32 -26.42
CA LEU J 47 -34.15 7.75 -26.41
C LEU J 47 -35.63 8.07 -26.26
N ALA J 48 -36.47 7.08 -26.49
CA ALA J 48 -37.89 7.26 -26.25
C ALA J 48 -38.17 7.27 -24.75
N GLU J 49 -37.45 6.43 -24.02
CA GLU J 49 -37.65 6.28 -22.58
C GLU J 49 -37.10 7.47 -21.81
N GLN J 50 -35.88 7.87 -22.19
CA GLN J 50 -35.18 8.97 -21.55
C GLN J 50 -34.09 9.46 -22.50
N ILE J 51 -34.00 10.77 -22.69
CA ILE J 51 -33.00 11.35 -23.59
C ILE J 51 -31.62 11.10 -23.00
N SER J 52 -30.64 10.82 -23.84
CA SER J 52 -29.37 10.30 -23.32
C SER J 52 -28.16 10.95 -23.95
N THR J 53 -26.98 10.64 -23.45
CA THR J 53 -25.76 11.15 -24.04
C THR J 53 -25.11 10.01 -24.76
N ASN J 54 -24.03 10.26 -25.51
CA ASN J 54 -23.30 9.14 -26.09
C ASN J 54 -22.97 8.05 -25.04
N ALA J 55 -22.12 8.41 -24.10
CA ALA J 55 -21.66 7.53 -23.02
C ALA J 55 -22.75 6.64 -22.37
N LYS J 56 -23.95 7.17 -22.12
CA LYS J 56 -25.02 6.38 -21.52
C LYS J 56 -25.41 5.26 -22.45
N ILE J 57 -25.76 5.63 -23.67
CA ILE J 57 -26.13 4.72 -24.74
C ILE J 57 -25.04 3.67 -24.95
N ALA J 58 -23.81 4.10 -25.14
CA ALA J 58 -22.71 3.15 -25.24
C ALA J 58 -22.75 2.13 -24.07
N GLU J 59 -22.69 2.65 -22.84
CA GLU J 59 -22.71 1.83 -21.64
C GLU J 59 -23.94 0.94 -21.59
N LYS J 60 -25.08 1.45 -22.04
CA LYS J 60 -26.28 0.65 -22.05
C LYS J 60 -26.19 -0.50 -23.04
N LEU J 61 -25.66 -0.21 -24.23
CA LEU J 61 -25.52 -1.17 -25.33
C LEU J 61 -24.25 -2.00 -25.26
N LYS J 62 -23.48 -1.81 -24.19
CA LYS J 62 -22.21 -2.49 -24.06
C LYS J 62 -21.47 -2.43 -25.40
N ILE J 63 -21.44 -1.25 -26.00
CA ILE J 63 -20.56 -0.99 -27.15
C ILE J 63 -19.74 0.27 -26.99
N SER J 64 -18.97 0.60 -28.02
CA SER J 64 -18.01 1.69 -27.91
C SER J 64 -18.56 3.05 -28.35
N PRO J 65 -18.10 4.12 -27.69
CA PRO J 65 -18.55 5.45 -28.06
C PRO J 65 -18.46 5.68 -29.56
N ALA J 66 -17.37 5.32 -30.21
CA ALA J 66 -17.27 5.45 -31.69
C ALA J 66 -18.37 4.70 -32.46
N ALA J 67 -18.63 3.46 -32.05
CA ALA J 67 -19.79 2.73 -32.55
C ALA J 67 -21.10 3.50 -32.33
N VAL J 68 -21.27 4.11 -31.17
CA VAL J 68 -22.46 4.92 -30.92
C VAL J 68 -22.41 6.22 -31.73
N THR J 69 -21.22 6.74 -31.90
CA THR J 69 -21.02 7.98 -32.61
C THR J 69 -21.44 7.80 -34.07
N LYS J 70 -21.02 6.69 -34.64
CA LYS J 70 -21.34 6.34 -36.01
C LYS J 70 -22.85 6.16 -36.12
N ALA J 71 -23.42 5.38 -35.21
CA ALA J 71 -24.83 5.05 -35.25
C ALA J 71 -25.68 6.31 -35.21
N LEU J 72 -25.21 7.30 -34.49
CA LEU J 72 -25.98 8.53 -34.29
C LEU J 72 -25.85 9.42 -35.52
N LYS J 73 -24.63 9.58 -36.04
CA LYS J 73 -24.46 10.35 -37.26
C LYS J 73 -25.47 9.85 -38.29
N LYS J 74 -25.71 8.53 -38.31
CA LYS J 74 -26.65 7.95 -39.26
C LYS J 74 -28.11 8.22 -38.89
N LEU J 75 -28.46 8.09 -37.62
CA LEU J 75 -29.83 8.35 -37.20
C LEU J 75 -30.19 9.82 -37.46
N GLN J 76 -29.17 10.65 -37.44
CA GLN J 76 -29.32 12.08 -37.72
C GLN J 76 -29.71 12.26 -39.18
N GLU J 77 -28.80 11.89 -40.08
CA GLU J 77 -29.02 12.04 -41.53
C GLU J 77 -30.39 11.60 -42.04
N GLN J 78 -31.02 10.66 -41.36
CA GLN J 78 -32.38 10.26 -41.72
C GLN J 78 -33.40 10.96 -40.84
N GLU J 79 -32.96 12.07 -40.26
CA GLU J 79 -33.83 12.95 -39.51
C GLU J 79 -34.67 12.19 -38.47
N LEU J 80 -34.00 11.33 -37.72
CA LEU J 80 -34.66 10.47 -36.75
C LEU J 80 -34.40 10.90 -35.30
N ILE J 81 -33.28 11.56 -35.06
CA ILE J 81 -32.96 12.05 -33.72
C ILE J 81 -32.46 13.47 -33.81
N LYS J 82 -32.25 14.08 -32.66
CA LYS J 82 -32.01 15.51 -32.59
C LYS J 82 -31.00 15.86 -31.49
N SER J 83 -29.91 16.51 -31.87
CA SER J 83 -28.96 17.04 -30.91
C SER J 83 -29.62 18.19 -30.17
N SER J 84 -28.97 18.68 -29.12
CA SER J 84 -29.62 19.64 -28.24
C SER J 84 -28.81 20.90 -28.02
N ARG J 85 -27.62 20.97 -28.61
CA ARG J 85 -26.86 22.22 -28.50
C ARG J 85 -27.38 23.24 -29.52
N ALA J 86 -28.02 24.27 -28.99
CA ALA J 86 -28.59 25.36 -29.79
C ALA J 86 -28.76 26.56 -28.86
N THR J 87 -27.79 27.47 -28.88
CA THR J 87 -27.69 28.57 -27.92
C THR J 87 -27.64 28.07 -26.48
N ASN J 88 -27.57 26.74 -26.32
CA ASN J 88 -27.45 26.11 -25.00
C ASN J 88 -26.26 25.17 -24.92
N ASP J 89 -25.10 25.73 -24.56
CA ASP J 89 -23.88 24.95 -24.31
C ASP J 89 -23.77 24.60 -22.83
N GLU J 90 -24.55 23.60 -22.41
CA GLU J 90 -24.56 23.13 -21.02
C GLU J 90 -23.47 22.08 -20.80
N ARG J 91 -22.42 22.17 -21.61
CA ARG J 91 -21.30 21.24 -21.54
C ARG J 91 -21.80 19.79 -21.70
N VAL J 92 -22.86 19.63 -22.49
CA VAL J 92 -23.53 18.36 -22.62
C VAL J 92 -24.44 18.35 -23.83
N VAL J 93 -24.30 17.30 -24.63
CA VAL J 93 -25.04 17.14 -25.87
C VAL J 93 -26.09 16.08 -25.64
N LEU J 94 -27.36 16.46 -25.66
CA LEU J 94 -28.45 15.53 -25.38
C LEU J 94 -29.27 15.15 -26.62
N TRP J 95 -29.24 13.87 -26.97
CA TRP J 95 -29.96 13.36 -28.13
C TRP J 95 -31.40 13.03 -27.76
N SER J 96 -32.35 13.38 -28.61
CA SER J 96 -33.75 13.11 -28.34
C SER J 96 -34.38 12.57 -29.60
N LEU J 97 -35.56 11.99 -29.49
CA LEU J 97 -36.27 11.55 -30.69
C LEU J 97 -36.93 12.73 -31.40
N THR J 98 -36.99 12.66 -32.73
CA THR J 98 -37.90 13.50 -33.51
C THR J 98 -39.17 12.68 -33.66
N GLU J 99 -40.34 13.32 -33.65
CA GLU J 99 -41.60 12.59 -33.63
C GLU J 99 -41.69 11.57 -34.77
N LYS J 100 -40.90 11.82 -35.82
CA LYS J 100 -40.73 10.89 -36.94
C LYS J 100 -40.23 9.53 -36.45
N ALA J 101 -39.79 9.47 -35.20
CA ALA J 101 -39.15 8.27 -34.68
C ALA J 101 -40.11 7.45 -33.87
N VAL J 102 -41.03 8.12 -33.18
CA VAL J 102 -41.82 7.45 -32.15
C VAL J 102 -42.39 6.09 -32.56
N PRO J 103 -42.95 6.00 -33.77
CA PRO J 103 -43.53 4.73 -34.22
C PRO J 103 -42.49 3.63 -34.24
N VAL J 104 -41.32 3.93 -34.80
CA VAL J 104 -40.24 2.95 -34.81
C VAL J 104 -39.91 2.53 -33.41
N ALA J 105 -39.73 3.52 -32.54
CA ALA J 105 -39.33 3.29 -31.16
C ALA J 105 -40.33 2.39 -30.47
N LYS J 106 -41.63 2.66 -30.63
CA LYS J 106 -42.63 1.79 -30.00
C LYS J 106 -42.77 0.46 -30.71
N GLU J 107 -42.59 0.47 -32.03
CA GLU J 107 -42.48 -0.78 -32.76
C GLU J 107 -41.41 -1.61 -32.08
N HIS J 108 -40.16 -1.16 -32.13
CA HIS J 108 -39.06 -1.90 -31.53
C HIS J 108 -39.37 -2.25 -30.07
N ALA J 109 -40.14 -1.40 -29.40
CA ALA J 109 -40.53 -1.66 -28.03
C ALA J 109 -41.27 -3.00 -27.95
N THR J 110 -42.37 -3.08 -28.71
CA THR J 110 -43.21 -4.26 -28.72
C THR J 110 -42.53 -5.47 -29.38
N HIS J 111 -41.63 -5.23 -30.33
CA HIS J 111 -40.89 -6.34 -30.90
C HIS J 111 -40.11 -7.02 -29.79
N HIS J 112 -39.61 -6.22 -28.86
CA HIS J 112 -38.90 -6.74 -27.70
C HIS J 112 -39.88 -7.46 -26.78
N GLU J 113 -41.05 -6.86 -26.60
CA GLU J 113 -42.13 -7.45 -25.80
C GLU J 113 -42.58 -8.80 -26.38
N LYS J 114 -42.71 -8.84 -27.71
CA LYS J 114 -43.23 -10.01 -28.40
C LYS J 114 -42.24 -11.17 -28.33
N THR J 115 -40.96 -10.85 -28.21
CA THR J 115 -39.93 -11.88 -28.08
C THR J 115 -39.89 -12.41 -26.66
N LEU J 116 -40.37 -11.60 -25.71
CA LEU J 116 -40.44 -12.01 -24.32
C LEU J 116 -41.67 -12.89 -24.05
N SER J 117 -42.82 -12.45 -24.52
CA SER J 117 -44.03 -13.26 -24.43
C SER J 117 -43.69 -14.70 -24.78
N THR J 118 -43.04 -14.87 -25.93
CA THR J 118 -42.65 -16.17 -26.42
C THR J 118 -41.87 -16.94 -25.38
N TYR J 119 -40.87 -16.30 -24.78
CA TYR J 119 -40.08 -16.96 -23.75
C TYR J 119 -40.98 -17.41 -22.59
N GLN J 120 -41.91 -16.55 -22.17
CA GLN J 120 -42.69 -16.80 -20.97
C GLN J 120 -43.77 -17.89 -21.09
N GLU J 121 -44.28 -18.09 -22.30
CA GLU J 121 -45.21 -19.20 -22.55
C GLU J 121 -44.46 -20.50 -22.49
N LEU J 122 -43.56 -20.72 -23.45
CA LEU J 122 -42.73 -21.92 -23.43
C LEU J 122 -42.18 -22.11 -22.02
N GLY J 123 -42.18 -21.01 -21.26
CA GLY J 123 -41.73 -21.00 -19.88
C GLY J 123 -42.78 -21.32 -18.81
N ASN J 124 -43.82 -20.49 -18.69
CA ASN J 124 -44.91 -20.79 -17.76
C ASN J 124 -45.39 -22.21 -18.03
N LYS J 125 -45.17 -22.68 -19.26
CA LYS J 125 -45.43 -24.06 -19.68
C LYS J 125 -44.89 -25.11 -18.70
N PHE J 126 -43.58 -25.18 -18.55
CA PHE J 126 -42.95 -26.11 -17.60
C PHE J 126 -43.54 -25.90 -16.21
N THR J 127 -43.18 -26.75 -15.26
CA THR J 127 -43.63 -26.56 -13.89
C THR J 127 -42.68 -25.63 -13.13
N ASP J 128 -43.20 -24.99 -12.09
CA ASP J 128 -42.42 -24.05 -11.29
C ASP J 128 -41.13 -24.68 -10.77
N GLU J 129 -41.24 -25.88 -10.22
CA GLU J 129 -40.07 -26.62 -9.76
C GLU J 129 -39.14 -26.96 -10.94
N GLU J 130 -39.75 -27.29 -12.08
CA GLU J 130 -39.02 -27.43 -13.34
C GLU J 130 -38.44 -26.08 -13.77
N GLN J 131 -39.04 -24.99 -13.30
CA GLN J 131 -38.54 -23.66 -13.62
C GLN J 131 -37.27 -23.36 -12.84
N GLU J 132 -37.32 -23.51 -11.53
CA GLU J 132 -36.15 -23.22 -10.69
C GLU J 132 -34.92 -24.01 -11.11
N VAL J 133 -35.10 -25.25 -11.53
CA VAL J 133 -33.97 -26.03 -12.02
C VAL J 133 -33.33 -25.31 -13.21
N ILE J 134 -34.16 -24.90 -14.17
CA ILE J 134 -33.66 -24.17 -15.35
C ILE J 134 -32.94 -22.90 -14.92
N SER J 135 -33.56 -22.14 -14.03
CA SER J 135 -33.03 -20.86 -13.56
C SER J 135 -31.66 -21.01 -12.92
N LYS J 136 -31.46 -22.11 -12.21
CA LYS J 136 -30.14 -22.43 -11.67
C LYS J 136 -29.17 -22.76 -12.80
N PHE J 137 -29.67 -23.44 -13.84
CA PHE J 137 -28.91 -23.73 -15.05
C PHE J 137 -28.40 -22.45 -15.72
N LEU J 138 -29.33 -21.58 -16.06
CA LEU J 138 -28.99 -20.33 -16.70
C LEU J 138 -27.91 -19.62 -15.90
N SER J 139 -28.08 -19.60 -14.59
CA SER J 139 -27.15 -18.90 -13.71
C SER J 139 -25.74 -19.47 -13.79
N ALA J 140 -25.62 -20.80 -13.81
CA ALA J 140 -24.32 -21.44 -13.80
C ALA J 140 -23.56 -21.23 -15.11
N LEU J 141 -24.29 -21.27 -16.22
CA LEU J 141 -23.74 -21.08 -17.54
C LEU J 141 -23.11 -19.70 -17.66
N THR J 142 -23.90 -18.68 -17.37
CA THR J 142 -23.49 -17.29 -17.56
C THR J 142 -22.18 -17.01 -16.84
N GLU J 143 -21.92 -17.74 -15.77
CA GLU J 143 -20.68 -17.58 -15.03
C GLU J 143 -19.49 -18.00 -15.88
N GLU J 144 -19.66 -19.08 -16.64
CA GLU J 144 -18.60 -19.60 -17.49
C GLU J 144 -18.25 -18.56 -18.53
N PHE J 145 -19.21 -17.68 -18.80
CA PHE J 145 -19.06 -16.60 -19.77
C PHE J 145 -18.56 -15.25 -19.24
N GLN J 146 -17.85 -15.24 -18.11
CA GLN J 146 -17.27 -14.00 -17.61
C GLN J 146 -15.99 -14.20 -16.81
N SER K 3 -37.72 -12.55 -13.11
CA SER K 3 -38.61 -13.43 -13.86
C SER K 3 -37.78 -14.49 -14.60
N LEU K 4 -38.43 -15.56 -15.03
CA LEU K 4 -37.74 -16.54 -15.86
C LEU K 4 -37.60 -15.97 -17.26
N ALA K 5 -38.72 -15.52 -17.83
CA ALA K 5 -38.72 -15.01 -19.20
C ALA K 5 -37.58 -14.02 -19.47
N ASN K 6 -37.34 -13.12 -18.54
CA ASN K 6 -36.25 -12.15 -18.68
C ASN K 6 -34.88 -12.82 -18.69
N GLN K 7 -34.58 -13.63 -17.67
CA GLN K 7 -33.29 -14.30 -17.54
C GLN K 7 -32.81 -14.99 -18.83
N ILE K 8 -33.73 -15.60 -19.57
CA ILE K 8 -33.41 -16.14 -20.87
C ILE K 8 -32.89 -15.00 -21.70
N ASP K 9 -33.78 -14.04 -21.95
CA ASP K 9 -33.44 -12.81 -22.63
C ASP K 9 -32.05 -12.36 -22.19
N GLN K 10 -31.90 -12.09 -20.90
CA GLN K 10 -30.64 -11.64 -20.33
C GLN K 10 -29.52 -12.64 -20.63
N PHE K 11 -29.86 -13.92 -20.67
CA PHE K 11 -28.85 -14.92 -20.98
C PHE K 11 -28.26 -14.68 -22.35
N LEU K 12 -29.03 -14.98 -23.40
CA LEU K 12 -28.65 -14.70 -24.78
C LEU K 12 -27.87 -13.39 -24.90
N GLY K 13 -28.31 -12.38 -24.15
CA GLY K 13 -27.62 -11.10 -24.08
C GLY K 13 -26.17 -11.17 -23.62
N THR K 14 -25.89 -12.01 -22.62
CA THR K 14 -24.51 -12.18 -22.16
C THR K 14 -23.71 -12.80 -23.27
N ILE K 15 -24.29 -13.81 -23.87
CA ILE K 15 -23.66 -14.53 -24.95
C ILE K 15 -23.31 -13.56 -26.07
N MET K 16 -24.27 -12.73 -26.47
CA MET K 16 -23.99 -11.73 -27.49
C MET K 16 -22.81 -10.82 -27.14
N GLN K 17 -22.68 -10.46 -25.86
CA GLN K 17 -21.60 -9.56 -25.46
C GLN K 17 -20.28 -10.31 -25.34
N PHE K 18 -20.37 -11.63 -25.18
CA PHE K 18 -19.19 -12.47 -25.11
C PHE K 18 -18.66 -12.83 -26.53
N ALA K 19 -19.55 -12.85 -27.51
CA ALA K 19 -19.19 -13.21 -28.87
C ALA K 19 -18.31 -12.17 -29.53
N GLU K 20 -18.59 -10.90 -29.24
CA GLU K 20 -17.94 -9.79 -29.92
C GLU K 20 -18.03 -9.99 -31.43
N ASN K 21 -16.88 -10.04 -32.10
CA ASN K 21 -16.86 -10.21 -33.56
C ASN K 21 -16.73 -11.67 -34.00
N LYS K 22 -16.74 -12.59 -33.04
CA LYS K 22 -16.46 -14.00 -33.32
C LYS K 22 -17.64 -14.72 -33.99
N HIS K 23 -17.44 -15.98 -34.37
CA HIS K 23 -18.50 -16.74 -35.03
C HIS K 23 -18.85 -18.03 -34.29
N GLU K 24 -18.12 -18.30 -33.22
CA GLU K 24 -18.41 -19.45 -32.40
C GLU K 24 -18.04 -19.06 -30.98
N ILE K 25 -18.41 -19.87 -30.00
CA ILE K 25 -18.08 -19.56 -28.62
C ILE K 25 -17.02 -20.50 -28.07
N LEU K 26 -15.99 -19.92 -27.46
CA LEU K 26 -14.94 -20.70 -26.84
C LEU K 26 -14.48 -20.06 -25.54
N LEU K 27 -14.27 -20.85 -24.50
CA LEU K 27 -13.89 -20.28 -23.21
C LEU K 27 -12.38 -20.19 -23.01
N GLY K 28 -11.90 -19.00 -22.66
CA GLY K 28 -10.48 -18.77 -22.51
C GLY K 28 -9.76 -18.51 -23.81
N LYS K 29 -8.63 -17.80 -23.75
CA LYS K 29 -7.92 -17.41 -24.96
C LYS K 29 -6.86 -18.43 -25.40
N SER K 30 -6.90 -18.76 -26.69
CA SER K 30 -6.05 -19.77 -27.33
C SER K 30 -4.55 -19.59 -27.09
N GLU K 31 -3.90 -20.64 -26.61
CA GLU K 31 -2.48 -20.59 -26.27
C GLU K 31 -1.60 -21.13 -27.39
N SER K 32 -2.12 -21.16 -28.61
CA SER K 32 -1.34 -21.58 -29.76
C SER K 32 -0.27 -20.53 -30.10
N ASP K 33 0.84 -21.02 -30.65
CA ASP K 33 2.01 -20.19 -30.93
C ASP K 33 1.73 -18.99 -31.84
N VAL K 34 0.87 -19.18 -32.85
CA VAL K 34 0.52 -18.11 -33.78
C VAL K 34 -0.87 -17.52 -33.47
N LYS K 35 -0.96 -16.19 -33.47
CA LYS K 35 -2.24 -15.53 -33.27
C LYS K 35 -2.97 -15.37 -34.61
N LEU K 36 -4.18 -15.91 -34.66
CA LEU K 36 -5.06 -15.82 -35.82
C LEU K 36 -6.44 -15.43 -35.30
N THR K 37 -7.41 -15.35 -36.20
CA THR K 37 -8.79 -15.20 -35.77
C THR K 37 -9.30 -16.58 -35.41
N SER K 38 -10.41 -16.64 -34.69
CA SER K 38 -10.98 -17.94 -34.33
C SER K 38 -11.37 -18.67 -35.60
N THR K 39 -12.12 -17.97 -36.44
CA THR K 39 -12.51 -18.47 -37.74
C THR K 39 -11.33 -19.03 -38.55
N GLN K 40 -10.17 -18.38 -38.49
CA GLN K 40 -8.97 -18.90 -39.12
C GLN K 40 -8.47 -20.17 -38.45
N GLU K 41 -8.23 -20.12 -37.14
CA GLU K 41 -7.86 -21.33 -36.41
C GLU K 41 -8.83 -22.44 -36.78
N HIS K 42 -10.13 -22.18 -36.60
CA HIS K 42 -11.15 -23.17 -36.95
C HIS K 42 -10.92 -23.80 -38.32
N ILE K 43 -10.58 -22.97 -39.31
CA ILE K 43 -10.34 -23.44 -40.66
C ILE K 43 -9.31 -24.56 -40.66
N LEU K 44 -8.10 -24.26 -40.19
CA LEU K 44 -7.01 -25.24 -40.14
C LEU K 44 -7.47 -26.55 -39.47
N MET K 45 -8.28 -26.42 -38.44
CA MET K 45 -8.77 -27.57 -37.72
C MET K 45 -9.65 -28.40 -38.63
N LEU K 46 -10.31 -27.73 -39.57
CA LEU K 46 -11.18 -28.41 -40.53
C LEU K 46 -10.39 -29.12 -41.62
N LEU K 47 -9.24 -28.55 -41.98
CA LEU K 47 -8.39 -29.07 -43.04
C LEU K 47 -7.50 -30.21 -42.54
N ALA K 48 -7.32 -30.23 -41.21
CA ALA K 48 -6.63 -31.32 -40.53
C ALA K 48 -7.43 -32.61 -40.65
N GLU K 49 -8.76 -32.49 -40.62
CA GLU K 49 -9.66 -33.63 -40.71
C GLU K 49 -9.88 -34.01 -42.17
N GLN K 50 -9.77 -33.02 -43.05
CA GLN K 50 -10.09 -33.25 -44.44
C GLN K 50 -9.66 -32.07 -45.30
N ILE K 51 -8.90 -32.35 -46.36
CA ILE K 51 -8.64 -31.34 -47.36
C ILE K 51 -10.00 -30.94 -47.94
N SER K 52 -10.15 -29.66 -48.25
CA SER K 52 -11.47 -29.10 -48.58
C SER K 52 -11.38 -27.90 -49.51
N THR K 53 -12.49 -27.64 -50.21
CA THR K 53 -12.56 -26.48 -51.10
C THR K 53 -13.23 -25.28 -50.43
N ASN K 54 -12.99 -24.11 -51.02
CA ASN K 54 -13.62 -22.87 -50.58
C ASN K 54 -15.09 -23.08 -50.32
N ALA K 55 -15.82 -23.50 -51.33
CA ALA K 55 -17.24 -23.75 -51.20
C ALA K 55 -17.58 -24.55 -49.96
N LYS K 56 -16.80 -25.60 -49.68
CA LYS K 56 -17.15 -26.49 -48.58
C LYS K 56 -16.83 -25.86 -47.23
N ILE K 57 -15.64 -25.27 -47.10
CA ILE K 57 -15.29 -24.57 -45.89
C ILE K 57 -16.42 -23.59 -45.56
N ALA K 58 -16.83 -22.80 -46.54
CA ALA K 58 -17.94 -21.88 -46.37
C ALA K 58 -19.24 -22.53 -45.91
N GLU K 59 -19.50 -23.76 -46.35
CA GLU K 59 -20.75 -24.42 -45.96
C GLU K 59 -20.69 -24.79 -44.50
N LYS K 60 -19.55 -25.30 -44.07
CA LYS K 60 -19.32 -25.64 -42.67
C LYS K 60 -19.37 -24.38 -41.78
N LEU K 61 -18.60 -23.37 -42.13
CA LEU K 61 -18.52 -22.16 -41.32
C LEU K 61 -19.72 -21.27 -41.55
N LYS K 62 -20.63 -21.71 -42.39
CA LYS K 62 -21.85 -20.94 -42.63
C LYS K 62 -21.55 -19.48 -43.02
N ILE K 63 -20.31 -19.19 -43.42
CA ILE K 63 -19.97 -17.86 -43.90
C ILE K 63 -19.85 -17.80 -45.43
N SER K 64 -19.51 -16.63 -45.95
CA SER K 64 -19.43 -16.45 -47.38
C SER K 64 -18.06 -16.86 -47.89
N PRO K 65 -18.00 -17.29 -49.15
CA PRO K 65 -16.76 -17.61 -49.83
C PRO K 65 -15.77 -16.43 -49.85
N ALA K 66 -16.26 -15.20 -50.01
CA ALA K 66 -15.37 -14.04 -49.97
C ALA K 66 -14.59 -14.06 -48.66
N ALA K 67 -15.30 -14.31 -47.56
CA ALA K 67 -14.68 -14.46 -46.26
C ALA K 67 -13.71 -15.64 -46.20
N VAL K 68 -14.06 -16.74 -46.87
CA VAL K 68 -13.14 -17.86 -46.89
C VAL K 68 -11.91 -17.48 -47.69
N THR K 69 -12.11 -16.73 -48.77
CA THR K 69 -11.01 -16.34 -49.65
C THR K 69 -10.00 -15.54 -48.87
N LYS K 70 -10.50 -14.62 -48.04
CA LYS K 70 -9.64 -13.75 -47.25
C LYS K 70 -8.89 -14.59 -46.24
N ALA K 71 -9.65 -15.39 -45.52
CA ALA K 71 -9.12 -16.18 -44.42
C ALA K 71 -7.99 -17.09 -44.91
N LEU K 72 -8.24 -17.79 -46.01
CA LEU K 72 -7.27 -18.73 -46.54
C LEU K 72 -6.02 -18.02 -47.02
N LYS K 73 -6.18 -16.76 -47.44
CA LYS K 73 -5.04 -15.99 -47.96
C LYS K 73 -4.16 -15.52 -46.81
N LYS K 74 -4.76 -15.20 -45.67
CA LYS K 74 -3.95 -14.80 -44.52
C LYS K 74 -3.20 -16.01 -43.97
N LEU K 75 -3.78 -17.18 -44.21
CA LEU K 75 -3.19 -18.46 -43.80
C LEU K 75 -2.02 -18.86 -44.70
N GLN K 76 -2.05 -18.39 -45.93
CA GLN K 76 -0.96 -18.68 -46.85
C GLN K 76 0.15 -17.69 -46.59
N GLU K 77 -0.16 -16.62 -45.87
CA GLU K 77 0.87 -15.67 -45.45
C GLU K 77 1.83 -16.31 -44.44
N GLN K 78 1.31 -17.13 -43.55
CA GLN K 78 2.14 -17.78 -42.54
C GLN K 78 2.40 -19.24 -42.89
N GLU K 79 2.23 -19.56 -44.18
CA GLU K 79 2.54 -20.87 -44.74
C GLU K 79 1.94 -22.04 -43.97
N LEU K 80 0.67 -21.89 -43.58
CA LEU K 80 0.00 -22.91 -42.80
C LEU K 80 -0.79 -23.86 -43.68
N ILE K 81 -0.99 -23.46 -44.94
CA ILE K 81 -1.71 -24.32 -45.87
C ILE K 81 -1.05 -24.36 -47.25
N LYS K 82 -1.47 -25.31 -48.06
CA LYS K 82 -0.86 -25.51 -49.37
C LYS K 82 -1.93 -26.00 -50.34
N SER K 83 -1.90 -25.45 -51.54
CA SER K 83 -2.85 -25.83 -52.57
C SER K 83 -2.38 -27.05 -53.33
N SER K 84 -3.33 -27.86 -53.74
CA SER K 84 -3.09 -28.91 -54.71
C SER K 84 -4.40 -29.04 -55.49
N ARG K 85 -4.50 -29.98 -56.42
CA ARG K 85 -5.69 -30.07 -57.24
C ARG K 85 -6.34 -31.45 -57.24
N ALA K 86 -7.62 -31.51 -57.60
CA ALA K 86 -8.36 -32.76 -57.62
C ALA K 86 -7.97 -33.65 -58.79
N THR K 87 -7.73 -34.92 -58.49
CA THR K 87 -7.40 -35.91 -59.50
C THR K 87 -8.59 -36.10 -60.46
N ASN K 88 -9.79 -35.92 -59.93
CA ASN K 88 -11.03 -35.90 -60.73
C ASN K 88 -11.10 -34.69 -61.69
N ASP K 89 -10.77 -33.49 -61.19
CA ASP K 89 -10.81 -32.25 -61.98
C ASP K 89 -9.58 -31.37 -61.67
N GLU K 90 -8.84 -30.96 -62.69
CA GLU K 90 -7.60 -30.19 -62.49
C GLU K 90 -7.85 -28.73 -62.11
N ARG K 91 -9.05 -28.26 -62.42
CA ARG K 91 -9.48 -26.92 -62.09
C ARG K 91 -9.74 -26.74 -60.59
N VAL K 92 -10.45 -27.70 -60.01
CA VAL K 92 -10.85 -27.72 -58.61
C VAL K 92 -9.65 -27.65 -57.64
N VAL K 93 -9.61 -26.60 -56.81
CA VAL K 93 -8.50 -26.40 -55.85
C VAL K 93 -8.78 -27.00 -54.50
N LEU K 94 -7.84 -27.79 -53.99
CA LEU K 94 -7.97 -28.40 -52.67
C LEU K 94 -6.97 -27.78 -51.69
N TRP K 95 -7.44 -27.49 -50.49
CA TRP K 95 -6.61 -26.88 -49.46
C TRP K 95 -6.24 -27.90 -48.39
N SER K 96 -4.99 -27.87 -47.95
CA SER K 96 -4.55 -28.77 -46.86
C SER K 96 -3.46 -28.12 -46.03
N LEU K 97 -3.21 -28.66 -44.83
CA LEU K 97 -2.27 -28.05 -43.89
C LEU K 97 -0.81 -28.32 -44.25
N THR K 98 0.07 -27.37 -43.96
CA THR K 98 1.51 -27.66 -43.96
C THR K 98 1.78 -28.24 -42.59
N GLU K 99 2.92 -28.89 -42.40
CA GLU K 99 3.21 -29.55 -41.11
C GLU K 99 3.40 -28.52 -39.99
N LYS K 100 3.77 -27.29 -40.37
CA LYS K 100 3.85 -26.19 -39.43
C LYS K 100 2.48 -25.76 -38.91
N ALA K 101 1.44 -26.34 -39.47
CA ALA K 101 0.07 -25.99 -39.10
C ALA K 101 -0.69 -27.09 -38.36
N VAL K 102 -0.08 -28.26 -38.17
CA VAL K 102 -0.74 -29.34 -37.44
C VAL K 102 -0.89 -29.04 -35.93
N PRO K 103 0.11 -28.40 -35.32
CA PRO K 103 0.04 -28.05 -33.89
C PRO K 103 -1.05 -27.01 -33.65
N VAL K 104 -1.08 -26.02 -34.52
CA VAL K 104 -2.08 -24.96 -34.47
C VAL K 104 -3.48 -25.54 -34.55
N ALA K 105 -3.68 -26.51 -35.44
CA ALA K 105 -5.01 -27.06 -35.69
C ALA K 105 -5.44 -27.96 -34.55
N LYS K 106 -4.53 -28.82 -34.11
CA LYS K 106 -4.82 -29.69 -32.98
C LYS K 106 -5.03 -28.83 -31.73
N GLU K 107 -4.31 -27.72 -31.64
CA GLU K 107 -4.51 -26.82 -30.52
C GLU K 107 -5.93 -26.29 -30.49
N HIS K 108 -6.41 -25.80 -31.63
CA HIS K 108 -7.78 -25.28 -31.72
C HIS K 108 -8.80 -26.39 -31.44
N ALA K 109 -8.41 -27.62 -31.76
CA ALA K 109 -9.19 -28.78 -31.37
C ALA K 109 -9.25 -28.82 -29.84
N THR K 110 -8.07 -28.68 -29.23
CA THR K 110 -7.94 -28.67 -27.77
C THR K 110 -8.84 -27.63 -27.13
N HIS K 111 -8.73 -26.40 -27.61
CA HIS K 111 -9.52 -25.29 -27.10
C HIS K 111 -11.03 -25.58 -27.14
N HIS K 112 -11.46 -26.29 -28.18
CA HIS K 112 -12.87 -26.62 -28.39
C HIS K 112 -13.35 -27.60 -27.33
N GLU K 113 -12.48 -28.55 -27.02
CA GLU K 113 -12.80 -29.68 -26.15
C GLU K 113 -12.65 -29.30 -24.68
N LYS K 114 -11.65 -28.47 -24.40
CA LYS K 114 -11.53 -27.87 -23.08
C LYS K 114 -12.83 -27.11 -22.79
N THR K 115 -13.37 -26.44 -23.80
CA THR K 115 -14.65 -25.75 -23.66
C THR K 115 -15.78 -26.74 -23.40
N LEU K 116 -15.71 -27.91 -24.01
CA LEU K 116 -16.71 -28.94 -23.78
C LEU K 116 -16.56 -29.60 -22.41
N SER K 117 -15.31 -29.70 -21.93
CA SER K 117 -15.03 -30.24 -20.60
C SER K 117 -15.74 -29.39 -19.59
N THR K 118 -15.80 -28.10 -19.89
CA THR K 118 -16.34 -27.12 -18.96
C THR K 118 -17.87 -27.10 -18.97
N TYR K 119 -18.48 -27.54 -20.06
CA TYR K 119 -19.94 -27.63 -20.12
C TYR K 119 -20.41 -28.90 -19.43
N GLN K 120 -19.56 -29.91 -19.43
CA GLN K 120 -19.90 -31.20 -18.82
C GLN K 120 -19.83 -31.11 -17.30
N GLU K 121 -18.73 -30.55 -16.80
CA GLU K 121 -18.61 -30.27 -15.39
C GLU K 121 -19.75 -29.36 -14.90
N LEU K 122 -20.14 -28.38 -15.73
CA LEU K 122 -21.25 -27.50 -15.36
C LEU K 122 -22.55 -28.27 -15.41
N GLY K 123 -22.58 -29.30 -16.24
CA GLY K 123 -23.79 -30.10 -16.39
C GLY K 123 -24.04 -30.98 -15.18
N ASN K 124 -23.05 -31.80 -14.84
CA ASN K 124 -23.22 -32.83 -13.79
C ASN K 124 -23.37 -32.31 -12.34
N LYS K 125 -23.54 -31.00 -12.18
CA LYS K 125 -23.82 -30.40 -10.88
C LYS K 125 -25.32 -30.47 -10.61
N PHE K 126 -26.05 -31.08 -11.54
CA PHE K 126 -27.44 -31.44 -11.31
C PHE K 126 -27.54 -32.95 -11.46
N THR K 127 -28.73 -33.50 -11.22
CA THR K 127 -28.90 -34.95 -11.26
C THR K 127 -29.58 -35.40 -12.54
N ASP K 128 -29.44 -36.67 -12.90
CA ASP K 128 -29.85 -37.14 -14.22
C ASP K 128 -31.20 -36.57 -14.69
N GLU K 129 -32.24 -36.68 -13.87
CA GLU K 129 -33.53 -36.13 -14.27
C GLU K 129 -33.50 -34.59 -14.31
N GLU K 130 -32.69 -34.00 -13.43
CA GLU K 130 -32.46 -32.56 -13.49
C GLU K 130 -31.76 -32.20 -14.80
N GLN K 131 -30.89 -33.08 -15.28
CA GLN K 131 -30.24 -32.85 -16.56
C GLN K 131 -31.18 -33.09 -17.74
N GLU K 132 -32.33 -33.70 -17.49
CA GLU K 132 -33.26 -33.95 -18.60
C GLU K 132 -34.30 -32.84 -18.73
N VAL K 133 -34.67 -32.18 -17.63
CA VAL K 133 -35.52 -31.00 -17.75
C VAL K 133 -34.80 -29.98 -18.63
N ILE K 134 -33.51 -29.81 -18.33
CA ILE K 134 -32.64 -28.90 -19.08
C ILE K 134 -32.58 -29.29 -20.55
N SER K 135 -32.25 -30.54 -20.82
CA SER K 135 -32.19 -31.05 -22.17
C SER K 135 -33.53 -30.92 -22.91
N LYS K 136 -34.63 -30.95 -22.18
CA LYS K 136 -35.93 -30.76 -22.81
C LYS K 136 -36.22 -29.28 -22.94
N PHE K 137 -35.48 -28.48 -22.17
CA PHE K 137 -35.58 -27.03 -22.20
C PHE K 137 -34.80 -26.44 -23.37
N LEU K 138 -33.56 -26.89 -23.53
CA LEU K 138 -32.72 -26.48 -24.66
C LEU K 138 -33.40 -26.80 -25.99
N SER K 139 -34.00 -27.98 -26.10
CA SER K 139 -34.73 -28.33 -27.32
C SER K 139 -35.88 -27.33 -27.56
N ALA K 140 -36.53 -26.92 -26.48
CA ALA K 140 -37.60 -25.93 -26.55
C ALA K 140 -37.14 -24.64 -27.22
N LEU K 141 -35.98 -24.13 -26.80
CA LEU K 141 -35.42 -22.90 -27.37
C LEU K 141 -34.97 -23.09 -28.81
N THR K 142 -34.21 -24.16 -29.06
CA THR K 142 -33.67 -24.40 -30.38
C THR K 142 -34.79 -24.32 -31.41
N GLU K 143 -35.96 -24.82 -31.05
CA GLU K 143 -37.13 -24.73 -31.93
C GLU K 143 -37.53 -23.28 -32.21
N GLU K 144 -37.41 -22.42 -31.20
CA GLU K 144 -37.86 -21.04 -31.29
C GLU K 144 -37.10 -20.23 -32.31
N PHE K 145 -35.95 -20.77 -32.71
CA PHE K 145 -35.01 -20.06 -33.57
C PHE K 145 -34.92 -20.64 -34.98
N GLN K 146 -35.80 -21.59 -35.30
CA GLN K 146 -35.79 -22.19 -36.64
C GLN K 146 -37.21 -22.48 -37.11
ZN ZN Q . 37.26 -3.58 9.23
ZN ZN R . 22.11 6.90 -12.17
ZN ZN S . 3.85 4.90 23.55
ZN ZN T . 21.41 24.70 34.05
ZN ZN U . -8.17 2.29 -3.42
ZN ZN V . -30.24 -8.48 10.73
ZN ZN W . -33.49 -3.98 -29.22
ZN ZN X . -13.52 -23.44 -33.59
#